data_3O2J
#
_entry.id   3O2J
#
_cell.length_a   82.330
_cell.length_b   92.580
_cell.length_c   102.480
_cell.angle_alpha   90.00
_cell.angle_beta   90.00
_cell.angle_gamma   90.00
#
_symmetry.space_group_name_H-M   'P 21 21 21'
#
loop_
_entity.id
_entity.type
_entity.pdbx_description
1 polymer 'Glutamate receptor 2'
2 non-polymer 2-acetamido-2-deoxy-beta-D-glucopyranose
3 water water
#
_entity_poly.entity_id   1
_entity_poly.type   'polypeptide(L)'
_entity_poly.pdbx_seq_one_letter_code
;VSSNSIQIGGLFPRGADQEYSAFRVGMVQFSTSEFRLTPHIDNLEVANSFAVTAAFCSQFSRGVYAIFGFYDKKSVNTIT
SFCGTLHVSFITPSFPTDGTHPFVIQMRPDLKGALLSLIEYYQWDKFAYLYDSDRGLSTLQAVLDSAAEKKWQVTAINVG
NINNDKKDETYRSLFQDLELKKERRVILDCERDKVNDIVDQVITIGKHVKGYHYIIANLGFTDGDLLKIQFGGANVSGFQ
IVDYDDSLVSKFIERWSTLEEKEYPGAHTATIKYTSALTYDAVQVMTEAFRNLRKQRIEISRRGNAGDCLANPAVPWGQG
VEIERALKQVQVEGLSGNIKFDQNGKRINYTINIMELKTNGPRKIGYWSEVDKMVVTLTRTKHHHHHH
;
_entity_poly.pdbx_strand_id   A,B
#
loop_
_chem_comp.id
_chem_comp.type
_chem_comp.name
_chem_comp.formula
NAG D-saccharide, beta linking 2-acetamido-2-deoxy-beta-D-glucopyranose 'C8 H15 N O6'
#
# COMPACT_ATOMS: atom_id res chain seq x y z
N ASN A 4 7.80 -17.52 36.69
CA ASN A 4 8.45 -16.36 36.09
C ASN A 4 7.46 -15.44 35.37
N SER A 5 7.94 -14.26 35.00
CA SER A 5 7.11 -13.32 34.24
C SER A 5 7.57 -13.26 32.79
N ILE A 6 6.61 -13.09 31.89
CA ILE A 6 6.91 -13.00 30.47
C ILE A 6 6.57 -11.60 29.99
N GLN A 7 7.59 -10.89 29.50
CA GLN A 7 7.41 -9.51 29.04
C GLN A 7 6.72 -9.51 27.67
N ILE A 8 5.62 -8.77 27.55
CA ILE A 8 5.00 -8.55 26.25
C ILE A 8 4.70 -7.08 25.98
N GLY A 9 4.61 -6.73 24.70
CA GLY A 9 4.32 -5.36 24.32
C GLY A 9 2.88 -5.21 23.88
N GLY A 10 2.38 -3.99 23.95
CA GLY A 10 1.07 -3.65 23.42
C GLY A 10 1.11 -2.32 22.69
N LEU A 11 0.76 -2.33 21.41
CA LEU A 11 0.69 -1.10 20.61
C LEU A 11 -0.75 -0.83 20.19
N PHE A 12 -1.42 0.06 20.92
CA PHE A 12 -2.82 0.38 20.67
C PHE A 12 -3.00 1.74 20.02
N PRO A 13 -3.96 1.84 19.08
CA PRO A 13 -4.35 3.14 18.53
C PRO A 13 -4.92 4.00 19.64
N ARG A 14 -4.75 5.31 19.54
CA ARG A 14 -5.45 6.19 20.46
C ARG A 14 -6.95 6.04 20.26
N GLY A 15 -7.67 5.97 21.36
CA GLY A 15 -9.12 5.86 21.30
C GLY A 15 -9.63 4.43 21.25
N ALA A 16 -8.73 3.45 21.09
CA ALA A 16 -9.17 2.05 21.07
C ALA A 16 -9.44 1.53 22.48
N ASP A 17 -10.45 2.10 23.13
CA ASP A 17 -10.71 1.79 24.53
C ASP A 17 -11.36 0.44 24.80
N GLN A 18 -12.31 0.04 23.97
CA GLN A 18 -12.94 -1.26 24.17
C GLN A 18 -11.95 -2.38 23.93
N GLU A 19 -11.10 -2.18 22.92
CA GLU A 19 -10.06 -3.15 22.59
C GLU A 19 -9.13 -3.33 23.79
N TYR A 20 -8.68 -2.22 24.37
CA TYR A 20 -7.80 -2.33 25.52
C TYR A 20 -8.52 -3.00 26.69
N SER A 21 -9.80 -2.68 26.89
CA SER A 21 -10.57 -3.34 27.95
C SER A 21 -10.63 -4.85 27.72
N ALA A 22 -10.87 -5.26 26.47
CA ALA A 22 -10.93 -6.68 26.13
C ALA A 22 -9.58 -7.35 26.39
N PHE A 23 -8.51 -6.59 26.13
CA PHE A 23 -7.16 -7.08 26.36
C PHE A 23 -6.99 -7.36 27.84
N ARG A 24 -7.38 -6.38 28.66
CA ARG A 24 -7.25 -6.52 30.10
C ARG A 24 -8.16 -7.61 30.65
N VAL A 25 -9.36 -7.73 30.10
CA VAL A 25 -10.24 -8.81 30.51
C VAL A 25 -9.61 -10.15 30.17
N GLY A 26 -9.05 -10.25 28.97
CA GLY A 26 -8.36 -11.46 28.57
C GLY A 26 -7.25 -11.85 29.53
N MET A 27 -6.47 -10.87 29.98
CA MET A 27 -5.32 -11.18 30.83
C MET A 27 -5.76 -11.70 32.19
N VAL A 28 -6.91 -11.23 32.68
CA VAL A 28 -7.46 -11.78 33.92
C VAL A 28 -7.99 -13.17 33.66
N GLN A 29 -8.77 -13.33 32.59
CA GLN A 29 -9.43 -14.60 32.30
C GLN A 29 -8.47 -15.75 32.02
N PHE A 30 -7.39 -15.47 31.30
CA PHE A 30 -6.45 -16.52 30.90
C PHE A 30 -5.18 -16.53 31.75
N SER A 31 -5.23 -15.85 32.90
CA SER A 31 -4.11 -15.89 33.82
C SER A 31 -3.88 -17.31 34.30
N THR A 32 -2.63 -17.63 34.58
CA THR A 32 -2.28 -18.98 34.99
C THR A 32 -1.23 -18.91 36.08
N SER A 33 -1.21 -19.93 36.93
CA SER A 33 -0.23 -20.02 38.01
C SER A 33 1.18 -20.21 37.44
N GLU A 34 1.27 -20.74 36.23
CA GLU A 34 2.55 -21.11 35.62
C GLU A 34 3.48 -19.94 35.32
N PHE A 35 2.91 -18.77 35.06
CA PHE A 35 3.68 -17.59 34.68
C PHE A 35 2.74 -16.40 34.62
N ARG A 36 3.30 -15.20 34.70
CA ARG A 36 2.50 -13.99 34.58
C ARG A 36 2.96 -13.17 33.39
N LEU A 37 2.01 -12.64 32.63
CA LEU A 37 2.34 -11.74 31.53
C LEU A 37 2.57 -10.35 32.08
N THR A 38 3.71 -9.78 31.73
CA THR A 38 4.01 -8.41 32.13
C THR A 38 3.96 -7.52 30.89
N PRO A 39 2.79 -6.89 30.66
CA PRO A 39 2.61 -6.08 29.45
C PRO A 39 3.20 -4.68 29.55
N HIS A 40 3.75 -4.20 28.44
CA HIS A 40 4.23 -2.83 28.37
C HIS A 40 3.41 -2.14 27.29
N ILE A 41 2.49 -1.28 27.72
CA ILE A 41 1.43 -0.78 26.85
C ILE A 41 1.74 0.62 26.36
N ASP A 42 1.64 0.81 25.05
CA ASP A 42 1.81 2.11 24.42
C ASP A 42 0.55 2.47 23.64
N ASN A 43 0.25 3.76 23.61
CA ASN A 43 -0.85 4.25 22.86
C ASN A 43 -0.31 5.26 21.84
N LEU A 44 -0.70 5.12 20.58
CA LEU A 44 -0.13 5.97 19.53
C LEU A 44 -1.00 6.07 18.29
N GLU A 45 -0.65 6.99 17.41
CA GLU A 45 -1.31 7.05 16.13
C GLU A 45 -0.61 6.04 15.23
N VAL A 46 -1.28 4.93 15.00
CA VAL A 46 -0.71 3.85 14.21
C VAL A 46 -0.57 4.19 12.73
N ALA A 47 -1.17 5.30 12.28
CA ALA A 47 -0.97 5.74 10.90
C ALA A 47 0.40 6.40 10.67
N ASN A 48 1.07 6.71 11.77
CA ASN A 48 2.35 7.39 11.74
C ASN A 48 3.47 6.37 11.84
N SER A 49 4.11 6.06 10.72
CA SER A 49 5.12 5.00 10.69
C SER A 49 6.35 5.32 11.57
N PHE A 50 6.66 6.60 11.71
CA PHE A 50 7.73 6.98 12.65
C PHE A 50 7.37 6.62 14.10
N ALA A 51 6.15 6.98 14.53
CA ALA A 51 5.71 6.67 15.88
C ALA A 51 5.64 5.15 16.11
N VAL A 52 5.19 4.43 15.10
CA VAL A 52 5.17 2.97 15.19
C VAL A 52 6.60 2.45 15.37
N THR A 53 7.54 2.97 14.60
CA THR A 53 8.93 2.55 14.72
C THR A 53 9.47 2.80 16.13
N ALA A 54 9.24 4.00 16.65
CA ALA A 54 9.68 4.38 17.99
C ALA A 54 9.12 3.45 19.06
N ALA A 55 7.82 3.14 18.95
CA ALA A 55 7.18 2.28 19.93
C ALA A 55 7.74 0.87 19.83
N PHE A 56 7.83 0.37 18.60
CA PHE A 56 8.40 -0.95 18.35
C PHE A 56 9.82 -1.10 18.92
N CYS A 57 10.67 -0.11 18.67
CA CYS A 57 12.05 -0.16 19.17
C CYS A 57 12.12 -0.06 20.68
N SER A 58 11.22 0.73 21.25
CA SER A 58 11.17 0.86 22.70
C SER A 58 10.86 -0.50 23.31
N GLN A 59 9.89 -1.20 22.74
CA GLN A 59 9.54 -2.54 23.18
C GLN A 59 10.71 -3.49 23.01
N PHE A 60 11.33 -3.44 21.82
CA PHE A 60 12.47 -4.28 21.51
C PHE A 60 13.60 -4.10 22.54
N SER A 61 13.91 -2.85 22.86
CA SER A 61 14.98 -2.59 23.82
C SER A 61 14.63 -3.11 25.23
N ARG A 62 13.35 -3.22 25.54
CA ARG A 62 12.91 -3.80 26.82
C ARG A 62 13.00 -5.33 26.81
N GLY A 63 13.32 -5.88 25.65
CA GLY A 63 13.47 -7.32 25.49
C GLY A 63 12.16 -8.11 25.46
N VAL A 64 11.08 -7.52 24.93
CA VAL A 64 9.79 -8.20 24.95
C VAL A 64 9.80 -9.46 24.07
N TYR A 65 9.08 -10.49 24.51
CA TYR A 65 9.05 -11.76 23.79
C TYR A 65 8.01 -11.80 22.66
N ALA A 66 7.19 -10.75 22.54
CA ALA A 66 6.14 -10.67 21.54
C ALA A 66 5.36 -9.39 21.74
N ILE A 67 4.79 -8.86 20.66
CA ILE A 67 4.01 -7.62 20.70
C ILE A 67 2.60 -7.83 20.16
N PHE A 68 1.61 -7.52 20.99
CA PHE A 68 0.25 -7.43 20.51
C PHE A 68 0.00 -6.01 20.07
N GLY A 69 -0.61 -5.83 18.90
CA GLY A 69 -0.88 -4.48 18.45
C GLY A 69 -1.66 -4.34 17.16
N PHE A 70 -1.76 -3.09 16.70
CA PHE A 70 -2.56 -2.71 15.55
C PHE A 70 -1.67 -1.99 14.53
N TYR A 71 -1.99 -2.11 13.25
CA TYR A 71 -1.38 -1.22 12.27
C TYR A 71 -2.47 -0.71 11.36
N ASP A 72 -2.08 0.13 10.42
CA ASP A 72 -3.03 0.45 9.34
C ASP A 72 -2.32 0.45 8.01
N LYS A 73 -3.00 0.92 6.96
CA LYS A 73 -2.44 0.81 5.63
C LYS A 73 -1.07 1.50 5.54
N LYS A 74 -0.91 2.55 6.32
CA LYS A 74 0.30 3.35 6.25
C LYS A 74 1.48 2.75 7.04
N SER A 75 1.19 1.96 8.07
CA SER A 75 2.26 1.41 8.91
C SER A 75 2.46 -0.11 8.78
N VAL A 76 1.65 -0.77 7.98
CA VAL A 76 1.74 -2.24 7.91
C VAL A 76 3.13 -2.71 7.46
N ASN A 77 3.73 -2.00 6.51
CA ASN A 77 5.06 -2.35 6.04
C ASN A 77 6.17 -2.16 7.06
N THR A 78 6.02 -1.16 7.92
CA THR A 78 6.95 -0.97 9.03
C THR A 78 6.90 -2.17 9.97
N ILE A 79 5.68 -2.57 10.33
CA ILE A 79 5.52 -3.72 11.20
C ILE A 79 6.10 -5.01 10.59
N THR A 80 5.68 -5.33 9.37
CA THR A 80 6.12 -6.58 8.77
C THR A 80 7.64 -6.61 8.58
N SER A 81 8.21 -5.47 8.17
CA SER A 81 9.66 -5.39 7.96
C SER A 81 10.47 -5.46 9.26
N PHE A 82 10.04 -4.73 10.26
CA PHE A 82 10.74 -4.76 11.56
C PHE A 82 10.59 -6.12 12.26
N CYS A 83 9.38 -6.66 12.28
CA CYS A 83 9.17 -8.01 12.80
C CYS A 83 10.05 -9.06 12.10
N GLY A 84 10.09 -9.01 10.78
CA GLY A 84 10.86 -9.97 10.00
C GLY A 84 12.37 -9.82 10.23
N THR A 85 12.80 -8.58 10.45
CA THR A 85 14.21 -8.31 10.61
C THR A 85 14.67 -8.76 11.99
N LEU A 86 13.91 -8.39 13.00
CA LEU A 86 14.31 -8.58 14.40
C LEU A 86 13.77 -9.89 15.01
N HIS A 87 12.93 -10.60 14.26
CA HIS A 87 12.31 -11.83 14.75
C HIS A 87 11.47 -11.62 16.01
N VAL A 88 10.68 -10.55 16.02
CA VAL A 88 9.75 -10.27 17.11
C VAL A 88 8.36 -10.54 16.57
N SER A 89 7.63 -11.41 17.24
CA SER A 89 6.29 -11.78 16.80
C SER A 89 5.28 -10.68 17.09
N PHE A 90 4.47 -10.35 16.08
CA PHE A 90 3.43 -9.32 16.18
C PHE A 90 2.08 -10.00 15.98
N ILE A 91 1.26 -9.97 17.03
CA ILE A 91 -0.05 -10.61 16.99
C ILE A 91 -1.09 -9.51 16.88
N THR A 92 -1.96 -9.58 15.87
CA THR A 92 -2.76 -8.41 15.54
C THR A 92 -4.19 -8.71 15.13
N PRO A 93 -5.12 -7.81 15.49
CA PRO A 93 -6.49 -7.95 14.98
C PRO A 93 -6.72 -7.12 13.74
N SER A 94 -5.67 -6.49 13.20
CA SER A 94 -5.82 -5.59 12.04
C SER A 94 -6.07 -6.36 10.75
N PHE A 95 -6.25 -5.64 9.64
CA PHE A 95 -6.57 -6.32 8.39
C PHE A 95 -5.48 -7.31 7.96
N PRO A 96 -5.88 -8.50 7.50
CA PRO A 96 -4.87 -9.49 7.12
C PRO A 96 -4.23 -9.11 5.79
N THR A 97 -2.98 -9.54 5.58
CA THR A 97 -2.31 -9.28 4.31
C THR A 97 -2.09 -10.59 3.60
N ASP A 98 -1.91 -10.54 2.29
CA ASP A 98 -1.69 -11.76 1.50
C ASP A 98 -0.20 -12.09 1.37
N GLY A 99 0.64 -11.07 1.46
CA GLY A 99 2.07 -11.27 1.35
C GLY A 99 2.52 -12.30 2.37
N THR A 100 3.56 -13.05 2.02
CA THR A 100 4.21 -13.90 3.02
C THR A 100 4.90 -12.97 3.98
N HIS A 101 4.52 -13.05 5.25
CA HIS A 101 5.05 -12.18 6.28
CA HIS A 101 5.12 -12.19 6.26
C HIS A 101 5.41 -12.98 7.52
N PRO A 102 6.68 -13.40 7.65
CA PRO A 102 7.07 -14.14 8.85
C PRO A 102 6.97 -13.25 10.09
N PHE A 103 6.67 -13.87 11.23
CA PHE A 103 6.62 -13.18 12.51
C PHE A 103 5.37 -12.28 12.66
N VAL A 104 4.44 -12.38 11.72
CA VAL A 104 3.17 -11.67 11.90
C VAL A 104 2.00 -12.65 12.06
N ILE A 105 1.33 -12.61 13.21
CA ILE A 105 0.22 -13.50 13.50
C ILE A 105 -1.10 -12.76 13.33
N GLN A 106 -1.85 -13.10 12.29
CA GLN A 106 -3.02 -12.30 11.97
C GLN A 106 -4.31 -12.90 12.52
N MET A 107 -4.80 -12.34 13.63
CA MET A 107 -6.05 -12.82 14.26
C MET A 107 -7.30 -12.71 13.39
N ARG A 108 -7.34 -11.75 12.47
CA ARG A 108 -8.57 -11.49 11.69
C ARG A 108 -8.63 -12.36 10.46
N PRO A 109 -9.68 -13.20 10.35
CA PRO A 109 -9.84 -14.04 9.17
C PRO A 109 -10.04 -13.21 7.92
N ASP A 110 -9.53 -13.69 6.81
CA ASP A 110 -9.69 -13.01 5.56
C ASP A 110 -11.17 -13.09 5.13
N LEU A 111 -11.68 -12.01 4.56
CA LEU A 111 -13.10 -11.86 4.19
C LEU A 111 -13.35 -12.03 2.68
N LYS A 112 -12.28 -11.94 1.89
CA LYS A 112 -12.44 -11.91 0.43
C LYS A 112 -13.16 -13.13 -0.13
N GLY A 113 -12.79 -14.31 0.33
CA GLY A 113 -13.41 -15.54 -0.13
C GLY A 113 -14.91 -15.56 0.13
N ALA A 114 -15.31 -15.20 1.35
CA ALA A 114 -16.73 -15.17 1.70
C ALA A 114 -17.50 -14.12 0.90
N LEU A 115 -16.87 -12.97 0.69
CA LEU A 115 -17.50 -11.89 -0.04
C LEU A 115 -17.76 -12.30 -1.49
N LEU A 116 -16.77 -12.91 -2.12
CA LEU A 116 -16.91 -13.38 -3.50
C LEU A 116 -17.97 -14.47 -3.61
N SER A 117 -17.99 -15.38 -2.64
CA SER A 117 -19.02 -16.43 -2.61
C SER A 117 -20.42 -15.86 -2.37
N LEU A 118 -20.51 -14.75 -1.64
CA LEU A 118 -21.80 -14.13 -1.38
C LEU A 118 -22.34 -13.45 -2.63
N ILE A 119 -21.47 -12.75 -3.36
CA ILE A 119 -21.86 -12.18 -4.64
C ILE A 119 -22.45 -13.25 -5.55
N GLU A 120 -21.79 -14.39 -5.61
CA GLU A 120 -22.19 -15.50 -6.46
C GLU A 120 -23.47 -16.11 -5.97
N TYR A 121 -23.60 -16.18 -4.65
CA TYR A 121 -24.79 -16.72 -4.01
C TYR A 121 -26.04 -15.91 -4.38
N TYR A 122 -25.94 -14.58 -4.31
CA TYR A 122 -27.04 -13.73 -4.76
C TYR A 122 -27.13 -13.63 -6.28
N GLN A 123 -26.19 -14.29 -6.98
CA GLN A 123 -26.18 -14.31 -8.44
C GLN A 123 -26.09 -12.90 -9.07
N TRP A 124 -25.26 -12.03 -8.48
CA TRP A 124 -25.00 -10.72 -9.07
C TRP A 124 -24.03 -10.88 -10.23
N ASP A 125 -24.22 -10.11 -11.30
CA ASP A 125 -23.22 -10.04 -12.36
C ASP A 125 -22.93 -8.59 -12.73
N LYS A 126 -23.61 -7.68 -12.03
CA LYS A 126 -23.46 -6.25 -12.28
C LYS A 126 -23.65 -5.54 -10.94
N PHE A 127 -22.66 -4.77 -10.51
CA PHE A 127 -22.78 -4.11 -9.21
C PHE A 127 -21.70 -3.06 -9.02
N ALA A 128 -21.85 -2.27 -7.96
CA ALA A 128 -20.83 -1.28 -7.60
C ALA A 128 -20.05 -1.74 -6.37
N TYR A 129 -18.76 -1.40 -6.35
CA TYR A 129 -17.89 -1.73 -5.24
C TYR A 129 -17.32 -0.39 -4.79
N LEU A 130 -17.90 0.13 -3.71
CA LEU A 130 -17.54 1.45 -3.21
C LEU A 130 -16.63 1.26 -2.01
N TYR A 131 -15.37 1.69 -2.12
CA TYR A 131 -14.39 1.30 -1.12
C TYR A 131 -13.47 2.45 -0.72
N ASP A 132 -12.77 2.26 0.40
CA ASP A 132 -11.57 3.05 0.70
C ASP A 132 -10.41 2.08 0.98
N SER A 133 -9.20 2.59 1.15
CA SER A 133 -8.02 1.72 1.19
C SER A 133 -7.56 1.41 2.61
N ASP A 134 -8.39 1.77 3.58
CA ASP A 134 -7.98 1.66 4.98
C ASP A 134 -7.64 0.22 5.38
N ARG A 135 -8.25 -0.76 4.71
CA ARG A 135 -7.93 -2.16 5.00
C ARG A 135 -7.18 -2.82 3.85
N GLY A 136 -6.40 -2.02 3.14
CA GLY A 136 -5.63 -2.50 2.01
C GLY A 136 -6.47 -2.63 0.75
N LEU A 137 -5.83 -3.09 -0.33
CA LEU A 137 -6.49 -3.18 -1.62
C LEU A 137 -6.58 -4.61 -2.13
N SER A 138 -6.30 -5.58 -1.28
CA SER A 138 -6.42 -6.98 -1.73
C SER A 138 -7.86 -7.31 -2.11
N THR A 139 -8.85 -6.70 -1.45
CA THR A 139 -10.24 -7.02 -1.78
C THR A 139 -10.64 -6.44 -3.13
N LEU A 140 -10.19 -5.22 -3.40
CA LEU A 140 -10.35 -4.61 -4.71
C LEU A 140 -9.81 -5.55 -5.79
N GLN A 141 -8.57 -6.00 -5.64
CA GLN A 141 -7.96 -6.87 -6.64
C GLN A 141 -8.76 -8.15 -6.80
N ALA A 142 -9.19 -8.73 -5.68
CA ALA A 142 -9.94 -9.97 -5.75
C ALA A 142 -11.25 -9.76 -6.52
N VAL A 143 -11.88 -8.62 -6.33
CA VAL A 143 -13.15 -8.35 -6.98
C VAL A 143 -12.94 -8.16 -8.47
N LEU A 144 -11.92 -7.36 -8.82
CA LEU A 144 -11.57 -7.13 -10.23
C LEU A 144 -11.08 -8.40 -10.91
N ASP A 145 -10.33 -9.23 -10.19
CA ASP A 145 -9.84 -10.49 -10.74
C ASP A 145 -11.03 -11.37 -11.09
N SER A 146 -11.96 -11.49 -10.17
CA SER A 146 -13.13 -12.31 -10.38
C SER A 146 -14.06 -11.72 -11.44
N ALA A 147 -14.11 -10.39 -11.51
CA ALA A 147 -14.94 -9.75 -12.51
C ALA A 147 -14.44 -10.11 -13.91
N ALA A 148 -13.11 -10.14 -14.08
CA ALA A 148 -12.50 -10.52 -15.35
C ALA A 148 -12.81 -11.97 -15.71
N GLU A 149 -12.72 -12.85 -14.72
CA GLU A 149 -12.85 -14.28 -14.94
C GLU A 149 -14.30 -14.73 -15.05
N LYS A 150 -15.22 -13.93 -14.51
CA LYS A 150 -16.62 -14.31 -14.45
C LYS A 150 -17.52 -13.46 -15.35
N LYS A 151 -16.94 -12.46 -16.00
CA LYS A 151 -17.72 -11.56 -16.84
C LYS A 151 -18.73 -10.76 -16.02
N TRP A 152 -18.29 -10.29 -14.86
CA TRP A 152 -19.09 -9.36 -14.07
C TRP A 152 -18.86 -7.94 -14.59
N GLN A 153 -19.86 -7.08 -14.50
CA GLN A 153 -19.64 -5.66 -14.73
C GLN A 153 -19.61 -4.92 -13.40
N VAL A 154 -18.41 -4.51 -12.98
CA VAL A 154 -18.23 -3.88 -11.68
C VAL A 154 -17.90 -2.42 -11.85
N THR A 155 -18.59 -1.56 -11.12
CA THR A 155 -18.16 -0.16 -11.03
C THR A 155 -17.42 0.01 -9.71
N ALA A 156 -16.14 0.35 -9.78
CA ALA A 156 -15.30 0.36 -8.58
C ALA A 156 -14.81 1.76 -8.32
N ILE A 157 -15.29 2.35 -7.24
CA ILE A 157 -15.03 3.74 -6.94
C ILE A 157 -14.41 3.92 -5.57
N ASN A 158 -13.25 4.58 -5.55
CA ASN A 158 -12.59 4.89 -4.30
C ASN A 158 -13.27 6.10 -3.60
N VAL A 159 -14.03 5.84 -2.54
CA VAL A 159 -14.74 6.91 -1.86
C VAL A 159 -13.90 7.58 -0.78
N GLY A 160 -12.68 7.09 -0.59
CA GLY A 160 -11.78 7.63 0.41
C GLY A 160 -11.19 8.96 0.00
N LEU A 180 -28.00 9.14 -10.95
CA LEU A 180 -27.84 9.25 -12.39
C LEU A 180 -27.40 7.91 -12.96
N LYS A 181 -27.59 6.85 -12.19
CA LYS A 181 -27.24 5.51 -12.64
C LYS A 181 -28.24 4.50 -12.13
N LYS A 182 -28.46 3.44 -12.91
CA LYS A 182 -29.46 2.44 -12.55
C LYS A 182 -28.81 1.19 -11.95
N GLU A 183 -27.72 1.39 -11.22
CA GLU A 183 -27.10 0.31 -10.46
C GLU A 183 -27.82 0.24 -9.12
N ARG A 184 -28.25 -0.96 -8.72
CA ARG A 184 -28.98 -1.10 -7.44
C ARG A 184 -28.30 -2.06 -6.47
N ARG A 185 -27.21 -2.69 -6.91
CA ARG A 185 -26.49 -3.62 -6.07
C ARG A 185 -25.11 -3.03 -5.75
N VAL A 186 -24.83 -2.92 -4.46
CA VAL A 186 -23.75 -2.08 -3.96
C VAL A 186 -22.99 -2.75 -2.83
N ILE A 187 -21.69 -2.89 -3.00
CA ILE A 187 -20.85 -3.36 -1.91
C ILE A 187 -20.18 -2.15 -1.24
N LEU A 188 -20.30 -2.05 0.08
CA LEU A 188 -19.62 -0.99 0.81
C LEU A 188 -18.46 -1.59 1.58
N ASP A 189 -17.25 -1.22 1.19
CA ASP A 189 -16.03 -1.70 1.84
C ASP A 189 -15.26 -0.46 2.25
N CYS A 190 -15.78 0.24 3.25
CA CYS A 190 -15.23 1.53 3.65
C CYS A 190 -15.39 1.69 5.15
N GLU A 191 -14.78 2.73 5.70
CA GLU A 191 -14.89 2.98 7.12
C GLU A 191 -16.35 3.29 7.47
N ARG A 192 -16.74 2.94 8.70
CA ARG A 192 -18.14 3.02 9.13
C ARG A 192 -18.82 4.36 8.86
N ASP A 193 -18.06 5.46 8.98
CA ASP A 193 -18.60 6.80 8.72
C ASP A 193 -19.18 6.94 7.32
N LYS A 194 -18.42 6.46 6.34
CA LYS A 194 -18.74 6.70 4.94
C LYS A 194 -20.01 5.95 4.52
N VAL A 195 -20.30 4.86 5.21
CA VAL A 195 -21.51 4.09 4.93
C VAL A 195 -22.75 4.96 5.09
N ASN A 196 -22.86 5.65 6.22
CA ASN A 196 -24.01 6.52 6.42
C ASN A 196 -24.13 7.60 5.34
N ASP A 197 -23.03 8.30 5.08
CA ASP A 197 -23.02 9.30 4.02
C ASP A 197 -23.49 8.74 2.67
N ILE A 198 -23.05 7.54 2.33
CA ILE A 198 -23.41 6.93 1.06
C ILE A 198 -24.88 6.53 0.97
N VAL A 199 -25.34 5.82 1.98
CA VAL A 199 -26.72 5.36 2.03
C VAL A 199 -27.69 6.55 2.08
N ASP A 200 -27.31 7.61 2.79
CA ASP A 200 -28.18 8.76 2.93
C ASP A 200 -28.49 9.36 1.60
N GLN A 201 -27.49 9.43 0.74
CA GLN A 201 -27.71 9.99 -0.57
C GLN A 201 -28.72 9.15 -1.33
N VAL A 202 -28.59 7.83 -1.24
CA VAL A 202 -29.50 6.96 -1.97
C VAL A 202 -30.94 7.26 -1.58
N ILE A 203 -31.19 7.24 -0.27
CA ILE A 203 -32.45 7.67 0.29
C ILE A 203 -32.50 9.19 0.11
N THR A 204 -33.65 9.70 -0.31
CA THR A 204 -33.81 11.11 -0.65
C THR A 204 -33.66 11.33 -2.16
N ILE A 205 -33.16 10.32 -2.86
CA ILE A 205 -33.19 10.32 -4.31
C ILE A 205 -34.46 9.58 -4.72
N GLY A 206 -35.12 8.99 -3.72
CA GLY A 206 -36.42 8.38 -3.88
C GLY A 206 -36.44 7.24 -4.88
N LYS A 207 -35.44 7.14 -5.73
CA LYS A 207 -35.57 6.18 -6.80
C LYS A 207 -35.36 4.80 -6.23
N HIS A 208 -36.46 4.06 -6.11
CA HIS A 208 -36.42 2.66 -5.73
C HIS A 208 -35.62 2.43 -4.47
N VAL A 209 -35.80 3.26 -3.44
CA VAL A 209 -34.98 3.07 -2.24
C VAL A 209 -35.01 1.62 -1.74
N LYS A 210 -36.20 1.03 -1.69
CA LYS A 210 -36.33 -0.38 -1.30
C LYS A 210 -35.77 -1.28 -2.39
N GLY A 211 -35.46 -0.68 -3.54
CA GLY A 211 -34.95 -1.42 -4.68
C GLY A 211 -33.45 -1.68 -4.63
N TYR A 212 -32.78 -1.18 -3.58
CA TYR A 212 -31.35 -1.39 -3.44
C TYR A 212 -31.00 -2.65 -2.65
N HIS A 213 -29.79 -3.16 -2.87
CA HIS A 213 -29.27 -4.23 -2.03
C HIS A 213 -27.82 -3.88 -1.71
N TYR A 214 -27.57 -3.66 -0.43
CA TYR A 214 -26.22 -3.32 0.05
C TYR A 214 -25.56 -4.53 0.68
N ILE A 215 -24.29 -4.75 0.35
CA ILE A 215 -23.48 -5.72 1.08
C ILE A 215 -22.41 -4.96 1.86
N ILE A 216 -22.40 -5.15 3.18
CA ILE A 216 -21.44 -4.46 4.04
C ILE A 216 -20.24 -5.38 4.25
N ALA A 217 -19.12 -5.01 3.66
CA ALA A 217 -17.94 -5.86 3.61
C ALA A 217 -17.08 -5.67 4.85
N ASN A 218 -17.62 -6.02 6.01
CA ASN A 218 -16.80 -6.11 7.21
C ASN A 218 -17.29 -7.25 8.08
N LEU A 219 -16.55 -7.53 9.15
CA LEU A 219 -16.83 -8.71 9.94
C LEU A 219 -17.70 -8.39 11.15
N GLY A 220 -18.28 -7.19 11.17
CA GLY A 220 -19.02 -6.77 12.35
C GLY A 220 -20.40 -6.24 12.04
N PHE A 221 -21.17 -7.02 11.28
CA PHE A 221 -22.50 -6.59 10.86
C PHE A 221 -23.34 -6.00 12.01
N THR A 222 -23.31 -6.63 13.17
CA THR A 222 -24.09 -6.12 14.32
C THR A 222 -23.27 -5.29 15.33
N ASP A 223 -22.08 -4.83 14.94
CA ASP A 223 -21.24 -4.00 15.79
C ASP A 223 -21.64 -2.51 15.70
N GLY A 224 -21.42 -1.78 16.79
CA GLY A 224 -21.52 -0.33 16.77
C GLY A 224 -22.83 0.19 16.20
N ASP A 225 -22.74 1.22 15.37
CA ASP A 225 -23.91 1.96 14.92
C ASP A 225 -24.29 1.65 13.48
N LEU A 226 -23.67 0.63 12.87
CA LEU A 226 -23.98 0.33 11.48
C LEU A 226 -25.49 0.20 11.25
N LEU A 227 -26.14 -0.63 12.06
CA LEU A 227 -27.55 -0.91 11.88
C LEU A 227 -28.44 0.17 12.47
N LYS A 228 -27.83 1.27 12.92
CA LYS A 228 -28.58 2.46 13.32
C LYS A 228 -28.91 3.30 12.10
N ILE A 229 -28.26 2.98 10.98
CA ILE A 229 -28.50 3.68 9.73
C ILE A 229 -29.89 3.36 9.18
N GLN A 230 -30.58 4.36 8.65
CA GLN A 230 -31.88 4.15 8.04
C GLN A 230 -31.69 3.76 6.58
N PHE A 231 -31.85 2.46 6.29
CA PHE A 231 -31.63 1.95 4.95
C PHE A 231 -32.89 2.03 4.11
N GLY A 232 -33.97 2.49 4.72
CA GLY A 232 -35.23 2.75 4.03
C GLY A 232 -35.87 1.54 3.39
N GLY A 233 -35.74 0.37 4.02
CA GLY A 233 -36.34 -0.84 3.49
C GLY A 233 -35.54 -1.58 2.42
N ALA A 234 -34.34 -1.09 2.10
CA ALA A 234 -33.45 -1.83 1.18
C ALA A 234 -33.05 -3.20 1.74
N ASN A 235 -32.60 -4.10 0.86
CA ASN A 235 -31.92 -5.31 1.28
C ASN A 235 -30.56 -4.95 1.89
N VAL A 236 -30.17 -5.60 2.98
CA VAL A 236 -28.85 -5.36 3.57
C VAL A 236 -28.28 -6.67 4.05
N SER A 237 -27.10 -7.01 3.53
CA SER A 237 -26.36 -8.20 3.95
C SER A 237 -25.00 -7.84 4.53
N GLY A 238 -24.46 -8.73 5.35
CA GLY A 238 -23.14 -8.51 5.91
C GLY A 238 -22.59 -9.79 6.48
N PHE A 239 -21.56 -9.65 7.31
CA PHE A 239 -20.86 -10.79 7.87
C PHE A 239 -20.60 -10.60 9.35
N GLN A 240 -20.34 -11.71 10.03
CA GLN A 240 -20.16 -11.69 11.46
C GLN A 240 -19.24 -12.86 11.83
N ILE A 241 -18.16 -12.58 12.57
CA ILE A 241 -17.33 -13.67 13.08
C ILE A 241 -17.61 -14.02 14.54
N VAL A 242 -18.28 -13.12 15.26
CA VAL A 242 -18.68 -13.40 16.63
C VAL A 242 -20.14 -13.84 16.65
N ASP A 243 -20.38 -15.09 17.04
CA ASP A 243 -21.71 -15.67 16.99
C ASP A 243 -22.30 -15.69 18.39
N TYR A 244 -23.26 -14.80 18.64
CA TYR A 244 -23.85 -14.68 19.96
C TYR A 244 -24.70 -15.89 20.39
N ASP A 245 -24.89 -16.84 19.48
CA ASP A 245 -25.52 -18.10 19.84
C ASP A 245 -24.52 -19.11 20.41
N ASP A 246 -23.22 -18.85 20.24
CA ASP A 246 -22.19 -19.67 20.86
C ASP A 246 -22.31 -19.57 22.37
N SER A 247 -22.29 -20.71 23.06
CA SER A 247 -22.32 -20.70 24.53
C SER A 247 -21.09 -19.97 25.07
N LEU A 248 -19.94 -20.17 24.44
CA LEU A 248 -18.71 -19.49 24.82
C LEU A 248 -18.92 -17.96 24.74
N VAL A 249 -19.54 -17.51 23.65
CA VAL A 249 -19.82 -16.08 23.49
C VAL A 249 -20.90 -15.59 24.47
N SER A 250 -21.94 -16.41 24.68
CA SER A 250 -23.02 -16.04 25.60
C SER A 250 -22.50 -15.83 27.01
N LYS A 251 -21.67 -16.76 27.48
CA LYS A 251 -21.10 -16.63 28.81
C LYS A 251 -20.25 -15.37 28.90
N PHE A 252 -19.39 -15.14 27.91
CA PHE A 252 -18.55 -13.94 27.91
C PHE A 252 -19.40 -12.69 28.02
N ILE A 253 -20.39 -12.56 27.14
CA ILE A 253 -21.28 -11.38 27.17
C ILE A 253 -22.00 -11.17 28.52
N GLU A 254 -22.41 -12.27 29.16
CA GLU A 254 -22.98 -12.19 30.51
C GLU A 254 -22.09 -11.40 31.46
N ARG A 255 -20.80 -11.69 31.44
CA ARG A 255 -19.85 -11.01 32.30
C ARG A 255 -19.54 -9.62 31.75
N TRP A 256 -19.21 -9.57 30.47
CA TRP A 256 -18.83 -8.31 29.81
C TRP A 256 -19.86 -7.23 30.03
N SER A 257 -21.14 -7.59 29.90
CA SER A 257 -22.21 -6.60 30.00
C SER A 257 -22.43 -6.07 31.41
N THR A 258 -21.87 -6.74 32.42
CA THR A 258 -22.03 -6.29 33.80
C THR A 258 -20.81 -5.56 34.36
N LEU A 259 -19.74 -5.47 33.57
CA LEU A 259 -18.52 -4.80 34.04
C LEU A 259 -18.72 -3.30 34.24
N GLU A 260 -17.96 -2.74 35.18
CA GLU A 260 -17.98 -1.30 35.45
C GLU A 260 -17.32 -0.56 34.29
N GLU A 261 -18.09 0.29 33.61
CA GLU A 261 -17.61 0.97 32.42
C GLU A 261 -16.52 1.98 32.74
N LYS A 262 -16.56 2.53 33.95
CA LYS A 262 -15.50 3.44 34.39
C LYS A 262 -14.18 2.70 34.58
N GLU A 263 -14.28 1.44 34.98
CA GLU A 263 -13.11 0.58 35.12
C GLU A 263 -12.70 -0.02 33.77
N TYR A 264 -13.70 -0.38 32.97
CA TYR A 264 -13.47 -0.99 31.65
C TYR A 264 -14.19 -0.23 30.55
N PRO A 265 -13.60 0.90 30.14
CA PRO A 265 -14.26 1.72 29.13
C PRO A 265 -14.59 0.90 27.88
N GLY A 266 -15.81 1.06 27.36
CA GLY A 266 -16.24 0.32 26.19
C GLY A 266 -16.98 -0.96 26.55
N ALA A 267 -16.87 -1.39 27.79
CA ALA A 267 -17.59 -2.58 28.23
C ALA A 267 -18.97 -2.21 28.77
N HIS A 268 -19.59 -3.15 29.48
CA HIS A 268 -20.96 -2.98 29.97
C HIS A 268 -21.95 -2.89 28.80
N THR A 269 -21.62 -3.56 27.69
CA THR A 269 -22.45 -3.52 26.49
C THR A 269 -22.98 -4.91 26.20
N ALA A 270 -24.03 -4.98 25.37
CA ALA A 270 -24.59 -6.28 24.99
C ALA A 270 -23.90 -6.91 23.78
N THR A 271 -23.09 -6.12 23.07
CA THR A 271 -22.29 -6.64 21.97
C THR A 271 -20.83 -6.24 22.19
N ILE A 272 -19.93 -6.92 21.48
CA ILE A 272 -18.52 -6.56 21.51
C ILE A 272 -18.02 -6.48 20.06
N LYS A 273 -17.36 -5.38 19.71
CA LYS A 273 -16.82 -5.20 18.36
C LYS A 273 -15.93 -6.38 17.98
N TYR A 274 -15.89 -6.75 16.71
CA TYR A 274 -15.11 -7.95 16.36
C TYR A 274 -13.63 -7.73 16.65
N THR A 275 -13.16 -6.50 16.51
CA THR A 275 -11.75 -6.20 16.83
C THR A 275 -11.44 -6.42 18.30
N SER A 276 -12.36 -6.02 19.18
CA SER A 276 -12.23 -6.26 20.62
C SER A 276 -12.28 -7.76 20.92
N ALA A 277 -13.17 -8.47 20.24
CA ALA A 277 -13.25 -9.92 20.43
C ALA A 277 -11.93 -10.59 20.04
N LEU A 278 -11.35 -10.16 18.92
CA LEU A 278 -10.07 -10.72 18.46
C LEU A 278 -8.93 -10.38 19.42
N THR A 279 -9.05 -9.25 20.11
CA THR A 279 -8.05 -8.81 21.05
C THR A 279 -8.04 -9.75 22.28
N TYR A 280 -9.22 -10.01 22.82
CA TYR A 280 -9.41 -11.00 23.86
C TYR A 280 -8.91 -12.38 23.40
N ASP A 281 -9.32 -12.79 22.21
CA ASP A 281 -8.82 -14.03 21.60
C ASP A 281 -7.30 -14.07 21.52
N ALA A 282 -6.68 -12.94 21.19
CA ALA A 282 -5.22 -12.87 21.07
C ALA A 282 -4.53 -13.20 22.40
N VAL A 283 -5.12 -12.75 23.50
CA VAL A 283 -4.56 -13.06 24.81
C VAL A 283 -4.53 -14.56 25.07
N GLN A 284 -5.61 -15.26 24.69
CA GLN A 284 -5.65 -16.71 24.83
C GLN A 284 -4.60 -17.40 23.98
N VAL A 285 -4.45 -16.95 22.74
CA VAL A 285 -3.46 -17.53 21.83
C VAL A 285 -2.02 -17.37 22.36
N MET A 286 -1.69 -16.17 22.81
CA MET A 286 -0.37 -15.92 23.38
C MET A 286 -0.16 -16.79 24.60
N THR A 287 -1.18 -16.87 25.45
CA THR A 287 -1.06 -17.66 26.66
C THR A 287 -0.81 -19.12 26.34
N GLU A 288 -1.55 -19.66 25.37
CA GLU A 288 -1.35 -21.05 24.99
C GLU A 288 0.02 -21.29 24.37
N ALA A 289 0.52 -20.31 23.63
CA ALA A 289 1.83 -20.44 23.00
C ALA A 289 2.93 -20.50 24.07
N PHE A 290 2.81 -19.62 25.06
CA PHE A 290 3.78 -19.60 26.14
C PHE A 290 3.72 -20.86 27.01
N ARG A 291 2.53 -21.38 27.29
CA ARG A 291 2.43 -22.65 28.00
C ARG A 291 3.17 -23.75 27.22
N ASN A 292 2.98 -23.79 25.91
CA ASN A 292 3.64 -24.79 25.09
C ASN A 292 5.17 -24.61 25.15
N LEU A 293 5.64 -23.37 25.05
CA LEU A 293 7.07 -23.11 25.10
C LEU A 293 7.61 -23.56 26.45
N ARG A 294 6.88 -23.23 27.51
CA ARG A 294 7.29 -23.65 28.86
C ARG A 294 7.42 -25.17 28.98
N LYS A 295 6.50 -25.91 28.36
CA LYS A 295 6.58 -27.37 28.38
C LYS A 295 7.80 -27.91 27.65
N GLN A 296 8.23 -27.18 26.62
CA GLN A 296 9.40 -27.57 25.84
C GLN A 296 10.68 -27.10 26.53
N ARG A 297 10.51 -26.44 27.67
CA ARG A 297 11.64 -25.89 28.43
C ARG A 297 12.44 -24.89 27.61
N ILE A 298 11.75 -24.16 26.74
CA ILE A 298 12.36 -23.07 26.00
C ILE A 298 12.31 -21.80 26.85
N GLU A 299 13.44 -21.11 26.98
CA GLU A 299 13.53 -19.95 27.85
C GLU A 299 12.69 -18.81 27.28
N ILE A 300 11.69 -18.39 28.05
CA ILE A 300 10.81 -17.29 27.64
C ILE A 300 10.79 -16.15 28.65
N SER A 301 11.61 -16.24 29.70
CA SER A 301 11.89 -15.11 30.57
C SER A 301 13.41 -14.91 30.68
N ARG A 302 13.93 -13.81 30.16
CA ARG A 302 15.36 -13.60 30.20
C ARG A 302 15.81 -12.15 30.39
N ARG A 303 17.03 -12.01 30.88
CA ARG A 303 17.70 -10.73 31.00
C ARG A 303 18.99 -10.92 30.23
N GLY A 304 19.64 -9.84 29.77
CA GLY A 304 19.27 -8.48 30.05
C GLY A 304 19.95 -7.58 29.05
N ASN A 305 19.73 -6.27 29.16
CA ASN A 305 20.36 -5.30 28.25
C ASN A 305 19.31 -4.84 27.26
N ALA A 306 19.36 -3.58 26.82
CA ALA A 306 18.30 -3.13 25.92
C ALA A 306 18.49 -3.59 24.48
N GLY A 307 19.72 -3.48 24.02
CA GLY A 307 20.07 -3.75 22.64
C GLY A 307 19.58 -2.63 21.76
N ASP A 308 20.17 -2.50 20.59
CA ASP A 308 19.89 -1.37 19.74
C ASP A 308 19.05 -1.77 18.53
N CYS A 309 17.92 -1.09 18.40
CA CYS A 309 16.94 -1.35 17.36
C CYS A 309 17.47 -1.25 15.93
N LEU A 310 18.17 -0.16 15.66
CA LEU A 310 18.76 0.02 14.35
C LEU A 310 20.24 -0.38 14.38
N ALA A 311 20.54 -1.42 15.17
CA ALA A 311 21.89 -1.99 15.23
C ALA A 311 22.30 -2.54 13.87
N ASN A 312 23.60 -2.49 13.61
CA ASN A 312 24.17 -3.03 12.38
C ASN A 312 25.45 -3.80 12.69
N PRO A 313 25.46 -5.11 12.38
CA PRO A 313 24.37 -5.79 11.67
C PRO A 313 23.13 -5.99 12.54
N ALA A 314 21.99 -6.17 11.90
CA ALA A 314 20.80 -6.59 12.62
C ALA A 314 20.99 -8.04 13.04
N VAL A 315 21.26 -8.24 14.33
CA VAL A 315 21.45 -9.59 14.86
C VAL A 315 20.25 -10.01 15.71
N PRO A 316 19.32 -10.74 15.07
CA PRO A 316 18.01 -11.09 15.65
C PRO A 316 18.06 -12.15 16.76
N TRP A 317 16.99 -12.18 17.54
CA TRP A 317 16.85 -13.07 18.69
C TRP A 317 16.64 -14.54 18.32
N GLY A 318 17.43 -15.43 18.93
CA GLY A 318 17.33 -16.87 18.68
C GLY A 318 16.02 -17.56 19.08
N GLN A 319 15.45 -17.16 20.22
CA GLN A 319 14.16 -17.69 20.69
C GLN A 319 13.00 -17.27 19.79
N GLY A 320 13.19 -16.19 19.03
CA GLY A 320 12.12 -15.65 18.22
C GLY A 320 11.49 -16.68 17.30
N VAL A 321 12.31 -17.51 16.67
CA VAL A 321 11.81 -18.52 15.73
C VAL A 321 10.88 -19.52 16.42
N GLU A 322 11.27 -19.97 17.61
CA GLU A 322 10.43 -20.90 18.38
C GLU A 322 9.13 -20.23 18.89
N ILE A 323 9.23 -18.97 19.29
CA ILE A 323 8.03 -18.24 19.72
C ILE A 323 7.02 -18.10 18.57
N GLU A 324 7.51 -17.68 17.42
CA GLU A 324 6.69 -17.59 16.21
C GLU A 324 6.03 -18.94 15.93
N ARG A 325 6.81 -20.01 16.01
CA ARG A 325 6.30 -21.35 15.72
C ARG A 325 5.20 -21.73 16.70
N ALA A 326 5.43 -21.48 17.97
CA ALA A 326 4.46 -21.82 18.99
C ALA A 326 3.13 -21.10 18.78
N LEU A 327 3.18 -19.81 18.47
CA LEU A 327 1.96 -19.05 18.21
C LEU A 327 1.17 -19.62 17.04
N LYS A 328 1.88 -19.99 15.96
CA LYS A 328 1.20 -20.51 14.77
C LYS A 328 0.68 -21.92 14.94
N GLN A 329 1.12 -22.59 16.00
CA GLN A 329 0.69 -23.95 16.25
C GLN A 329 -0.50 -23.97 17.20
N VAL A 330 -0.88 -22.80 17.71
CA VAL A 330 -1.99 -22.74 18.65
C VAL A 330 -3.29 -23.10 17.94
N GLN A 331 -4.10 -23.94 18.58
CA GLN A 331 -5.46 -24.24 18.14
C GLN A 331 -6.40 -24.09 19.32
N VAL A 332 -7.30 -23.11 19.25
CA VAL A 332 -8.24 -22.86 20.34
C VAL A 332 -9.58 -22.39 19.83
N GLU A 333 -10.58 -22.47 20.70
CA GLU A 333 -11.90 -21.91 20.41
C GLU A 333 -12.01 -20.58 21.16
N GLY A 334 -12.45 -19.54 20.49
CA GLY A 334 -12.56 -18.24 21.13
C GLY A 334 -13.82 -17.51 20.71
N LEU A 335 -13.91 -16.24 21.06
CA LEU A 335 -15.07 -15.45 20.67
C LEU A 335 -15.23 -15.48 19.15
N SER A 336 -14.11 -15.54 18.44
CA SER A 336 -14.18 -15.49 16.97
C SER A 336 -14.25 -16.89 16.36
N GLY A 337 -14.64 -17.87 17.17
CA GLY A 337 -14.84 -19.23 16.66
C GLY A 337 -13.57 -20.08 16.77
N ASN A 338 -13.43 -21.01 15.85
CA ASN A 338 -12.25 -21.86 15.79
C ASN A 338 -11.03 -21.08 15.33
N ILE A 339 -10.00 -21.05 16.15
CA ILE A 339 -8.77 -20.32 15.86
C ILE A 339 -7.62 -21.29 15.55
N LYS A 340 -7.08 -21.19 14.33
CA LYS A 340 -6.01 -22.05 13.87
C LYS A 340 -5.31 -21.27 12.78
N PHE A 341 -3.99 -21.41 12.64
CA PHE A 341 -3.24 -20.62 11.69
C PHE A 341 -2.46 -21.49 10.71
N ASP A 342 -2.17 -20.95 9.53
CA ASP A 342 -1.23 -21.61 8.62
C ASP A 342 0.18 -21.17 8.94
N GLN A 343 1.16 -21.65 8.19
CA GLN A 343 2.55 -21.43 8.53
C GLN A 343 2.93 -19.98 8.33
N ASN A 344 2.04 -19.22 7.70
CA ASN A 344 2.30 -17.80 7.49
C ASN A 344 1.49 -16.89 8.41
N GLY A 345 0.89 -17.47 9.46
CA GLY A 345 0.18 -16.68 10.45
C GLY A 345 -1.22 -16.21 10.03
N LYS A 346 -1.78 -16.86 9.02
CA LYS A 346 -3.14 -16.56 8.58
C LYS A 346 -4.16 -17.53 9.16
N ARG A 347 -5.32 -17.00 9.56
CA ARG A 347 -6.39 -17.85 10.07
C ARG A 347 -6.81 -18.85 9.02
N ILE A 348 -6.98 -20.11 9.44
CA ILE A 348 -7.55 -21.14 8.57
C ILE A 348 -8.60 -21.92 9.32
N ASN A 349 -9.48 -22.59 8.58
CA ASN A 349 -10.47 -23.48 9.20
C ASN A 349 -11.44 -22.69 10.08
N TYR A 350 -11.76 -21.47 9.67
CA TYR A 350 -12.69 -20.65 10.43
C TYR A 350 -14.02 -20.63 9.69
N THR A 351 -15.04 -20.07 10.31
CA THR A 351 -16.32 -19.91 9.62
C THR A 351 -16.75 -18.44 9.72
N ILE A 352 -17.26 -17.88 8.62
CA ILE A 352 -17.84 -16.54 8.66
C ILE A 352 -19.37 -16.63 8.53
N ASN A 353 -20.09 -16.13 9.52
CA ASN A 353 -21.55 -16.09 9.46
C ASN A 353 -22.06 -15.07 8.46
N ILE A 354 -23.02 -15.50 7.64
CA ILE A 354 -23.64 -14.61 6.65
C ILE A 354 -24.93 -14.06 7.23
N MET A 355 -25.05 -12.73 7.28
CA MET A 355 -26.20 -12.09 7.91
C MET A 355 -27.03 -11.31 6.91
N GLU A 356 -28.32 -11.19 7.20
CA GLU A 356 -29.18 -10.27 6.46
C GLU A 356 -30.01 -9.48 7.45
N LEU A 357 -30.35 -8.25 7.08
CA LEU A 357 -31.24 -7.45 7.90
C LEU A 357 -32.66 -7.80 7.52
N LYS A 358 -33.31 -8.67 8.30
CA LYS A 358 -34.69 -9.06 8.05
C LYS A 358 -35.57 -8.06 8.76
N THR A 359 -36.87 -8.09 8.47
CA THR A 359 -37.76 -7.06 9.02
C THR A 359 -37.73 -7.04 10.54
N ASN A 360 -37.51 -8.20 11.15
CA ASN A 360 -37.45 -8.27 12.61
C ASN A 360 -36.08 -7.91 13.18
N GLY A 361 -35.06 -7.79 12.33
CA GLY A 361 -33.71 -7.52 12.79
C GLY A 361 -32.68 -8.39 12.09
N PRO A 362 -31.40 -8.22 12.45
CA PRO A 362 -30.37 -9.04 11.77
C PRO A 362 -30.50 -10.52 12.11
N ARG A 363 -30.36 -11.37 11.10
CA ARG A 363 -30.44 -12.81 11.29
C ARG A 363 -29.38 -13.53 10.48
N LYS A 364 -28.84 -14.61 11.04
CA LYS A 364 -27.91 -15.47 10.30
C LYS A 364 -28.69 -16.28 9.27
N ILE A 365 -28.29 -16.19 8.00
CA ILE A 365 -28.97 -16.98 6.98
C ILE A 365 -28.12 -18.15 6.54
N GLY A 366 -26.86 -18.16 6.97
CA GLY A 366 -25.96 -19.22 6.62
C GLY A 366 -24.53 -18.93 7.03
N TYR A 367 -23.58 -19.69 6.49
CA TYR A 367 -22.19 -19.49 6.84
C TYR A 367 -21.25 -19.86 5.71
N TRP A 368 -20.02 -19.40 5.80
CA TRP A 368 -18.99 -19.69 4.81
C TRP A 368 -17.78 -20.28 5.55
N SER A 369 -17.36 -21.46 5.15
CA SER A 369 -16.25 -22.12 5.83
C SER A 369 -14.99 -22.04 5.00
N GLU A 370 -13.87 -21.71 5.64
CA GLU A 370 -12.61 -21.55 4.92
C GLU A 370 -12.22 -22.85 4.22
N VAL A 371 -12.50 -23.98 4.85
CA VAL A 371 -12.20 -25.26 4.24
C VAL A 371 -13.00 -25.51 2.96
N ASP A 372 -14.32 -25.40 3.03
CA ASP A 372 -15.20 -25.67 1.89
C ASP A 372 -15.22 -24.53 0.88
N LYS A 373 -15.15 -23.29 1.38
CA LYS A 373 -15.22 -22.09 0.54
C LYS A 373 -16.55 -21.99 -0.22
N MET A 374 -17.63 -22.38 0.45
CA MET A 374 -18.95 -22.25 -0.15
C MET A 374 -19.91 -21.68 0.85
N VAL A 375 -20.79 -20.79 0.40
CA VAL A 375 -21.88 -20.32 1.24
C VAL A 375 -22.84 -21.49 1.48
N VAL A 376 -23.00 -21.87 2.74
CA VAL A 376 -23.95 -22.89 3.14
C VAL A 376 -25.20 -22.26 3.75
N THR A 377 -26.35 -22.55 3.15
CA THR A 377 -27.63 -22.00 3.57
C THR A 377 -28.18 -22.64 4.85
N LEU A 378 -28.69 -21.81 5.74
CA LEU A 378 -29.24 -22.25 7.02
C LEU A 378 -28.16 -22.71 7.99
N ILE B 6 27.75 22.09 1.55
CA ILE B 6 26.43 21.53 1.80
C ILE B 6 26.40 20.03 1.59
N GLN B 7 26.21 19.29 2.68
CA GLN B 7 26.12 17.84 2.61
C GLN B 7 24.72 17.46 2.21
N ILE B 8 24.60 16.44 1.38
CA ILE B 8 23.31 15.83 1.06
C ILE B 8 23.47 14.32 1.08
N GLY B 9 22.37 13.61 1.25
CA GLY B 9 22.35 12.16 1.13
C GLY B 9 21.94 11.76 -0.27
N GLY B 10 22.39 10.58 -0.69
CA GLY B 10 21.97 9.97 -1.94
C GLY B 10 21.71 8.50 -1.70
N LEU B 11 20.44 8.09 -1.72
CA LEU B 11 20.06 6.71 -1.50
C LEU B 11 19.58 6.03 -2.78
N PHE B 12 20.39 5.09 -3.28
CA PHE B 12 20.17 4.42 -4.57
C PHE B 12 19.88 2.92 -4.44
N PRO B 13 18.81 2.45 -5.09
CA PRO B 13 18.48 1.02 -5.15
C PRO B 13 19.60 0.26 -5.83
N ARG B 14 19.90 -0.96 -5.41
CA ARG B 14 20.80 -1.81 -6.18
C ARG B 14 20.25 -1.86 -7.60
N GLY B 15 21.13 -1.68 -8.58
CA GLY B 15 20.69 -1.72 -9.96
C GLY B 15 20.28 -0.40 -10.59
N ALA B 16 20.18 0.67 -9.80
CA ALA B 16 19.92 1.98 -10.39
C ALA B 16 21.24 2.59 -10.88
N ASP B 17 21.94 1.86 -11.75
CA ASP B 17 23.29 2.27 -12.16
C ASP B 17 23.29 3.52 -13.02
N GLN B 18 22.43 3.54 -14.03
CA GLN B 18 22.34 4.71 -14.90
C GLN B 18 21.92 5.96 -14.14
N GLU B 19 21.02 5.80 -13.18
CA GLU B 19 20.57 6.95 -12.39
C GLU B 19 21.73 7.54 -11.59
N TYR B 20 22.53 6.67 -10.99
CA TYR B 20 23.72 7.09 -10.26
C TYR B 20 24.74 7.79 -11.17
N SER B 21 24.96 7.26 -12.37
CA SER B 21 25.80 7.98 -13.33
C SER B 21 25.27 9.39 -13.61
N ALA B 22 23.96 9.49 -13.85
CA ALA B 22 23.36 10.77 -14.15
C ALA B 22 23.52 11.71 -12.97
N PHE B 23 23.41 11.17 -11.76
CA PHE B 23 23.62 11.96 -10.54
C PHE B 23 25.04 12.52 -10.51
N ARG B 24 26.02 11.65 -10.72
CA ARG B 24 27.42 12.08 -10.75
C ARG B 24 27.67 13.11 -11.85
N VAL B 25 27.08 12.89 -13.01
CA VAL B 25 27.26 13.83 -14.11
C VAL B 25 26.63 15.18 -13.79
N GLY B 26 25.47 15.14 -13.12
CA GLY B 26 24.85 16.38 -12.67
C GLY B 26 25.73 17.14 -11.67
N MET B 27 26.33 16.41 -10.72
CA MET B 27 27.20 17.05 -9.74
C MET B 27 28.30 17.88 -10.39
N VAL B 28 28.85 17.35 -11.48
CA VAL B 28 29.90 18.00 -12.23
C VAL B 28 29.35 19.18 -13.02
N GLN B 29 28.27 18.94 -13.77
CA GLN B 29 27.70 19.97 -14.62
C GLN B 29 27.23 21.19 -13.81
N PHE B 30 26.68 20.96 -12.61
CA PHE B 30 26.08 22.06 -11.86
C PHE B 30 26.95 22.59 -10.73
N SER B 31 28.17 22.06 -10.64
CA SER B 31 29.08 22.48 -9.57
C SER B 31 29.57 23.91 -9.82
N THR B 32 29.87 24.61 -8.74
CA THR B 32 30.33 25.98 -8.81
C THR B 32 31.58 26.17 -7.97
N SER B 33 32.49 27.03 -8.43
CA SER B 33 33.63 27.43 -7.62
C SER B 33 33.08 28.00 -6.32
N GLU B 34 31.99 28.74 -6.43
CA GLU B 34 31.34 29.37 -5.30
C GLU B 34 30.70 28.36 -4.37
N PHE B 35 30.21 27.25 -4.91
CA PHE B 35 29.45 26.31 -4.11
C PHE B 35 29.51 24.86 -4.62
N ARG B 36 29.69 23.91 -3.71
CA ARG B 36 29.70 22.50 -4.06
C ARG B 36 28.87 21.62 -3.13
N LEU B 37 28.01 20.78 -3.71
CA LEU B 37 27.30 19.76 -2.95
C LEU B 37 28.26 18.65 -2.54
N THR B 38 28.11 18.15 -1.31
CA THR B 38 28.91 17.04 -0.84
C THR B 38 28.04 15.83 -0.50
N PRO B 39 27.98 14.86 -1.42
CA PRO B 39 27.01 13.77 -1.27
C PRO B 39 27.55 12.59 -0.48
N HIS B 40 26.68 12.01 0.36
N HIS B 40 26.73 12.06 0.43
CA HIS B 40 26.98 10.76 1.04
CA HIS B 40 27.02 10.75 0.99
C HIS B 40 26.09 9.67 0.46
C HIS B 40 26.10 9.73 0.37
N ILE B 41 26.70 8.75 -0.30
CA ILE B 41 25.93 7.78 -1.07
C ILE B 41 25.81 6.46 -0.33
N ASP B 42 24.60 5.90 -0.34
CA ASP B 42 24.35 4.57 0.20
C ASP B 42 23.44 3.79 -0.74
N ASN B 43 23.66 2.49 -0.86
CA ASN B 43 22.89 1.68 -1.80
C ASN B 43 22.02 0.69 -1.05
N LEU B 44 20.70 0.81 -1.23
CA LEU B 44 19.76 0.11 -0.37
C LEU B 44 18.65 -0.65 -1.10
N GLU B 45 18.08 -1.62 -0.39
CA GLU B 45 16.92 -2.36 -0.85
C GLU B 45 15.66 -1.57 -0.51
N VAL B 46 15.14 -0.88 -1.51
CA VAL B 46 14.04 0.04 -1.33
C VAL B 46 12.75 -0.64 -0.91
N ALA B 47 12.61 -1.95 -1.16
CA ALA B 47 11.38 -2.63 -0.78
C ALA B 47 11.35 -3.02 0.70
N ASN B 48 12.46 -2.78 1.39
CA ASN B 48 12.64 -3.20 2.77
C ASN B 48 12.58 -1.97 3.68
N SER B 49 11.44 -1.80 4.35
CA SER B 49 11.20 -0.59 5.15
C SER B 49 12.17 -0.46 6.33
N PHE B 50 12.62 -1.59 6.87
CA PHE B 50 13.64 -1.55 7.92
C PHE B 50 14.94 -0.98 7.34
N ALA B 51 15.38 -1.53 6.22
CA ALA B 51 16.59 -1.02 5.58
C ALA B 51 16.44 0.44 5.16
N VAL B 52 15.25 0.84 4.71
CA VAL B 52 15.05 2.25 4.34
C VAL B 52 15.11 3.15 5.57
N THR B 53 14.48 2.72 6.65
CA THR B 53 14.53 3.49 7.89
C THR B 53 15.98 3.71 8.32
N ALA B 54 16.78 2.66 8.34
CA ALA B 54 18.18 2.76 8.76
C ALA B 54 18.99 3.71 7.87
N ALA B 55 18.79 3.61 6.56
CA ALA B 55 19.54 4.48 5.65
C ALA B 55 19.13 5.95 5.82
N PHE B 56 17.82 6.19 5.91
CA PHE B 56 17.32 7.55 6.12
C PHE B 56 17.87 8.16 7.42
N CYS B 57 17.76 7.41 8.51
CA CYS B 57 18.23 7.84 9.82
C CYS B 57 19.74 8.10 9.88
N SER B 58 20.51 7.29 9.16
CA SER B 58 21.94 7.52 9.09
C SER B 58 22.26 8.86 8.43
N GLN B 59 21.49 9.25 7.40
CA GLN B 59 21.68 10.54 6.74
C GLN B 59 21.22 11.67 7.65
N PHE B 60 20.08 11.49 8.30
CA PHE B 60 19.64 12.44 9.33
C PHE B 60 20.76 12.69 10.36
N SER B 61 21.34 11.61 10.85
CA SER B 61 22.46 11.63 11.78
C SER B 61 23.66 12.47 11.28
N ARG B 62 23.98 12.33 10.00
CA ARG B 62 25.09 13.09 9.40
C ARG B 62 24.86 14.60 9.30
N GLY B 63 23.59 15.01 9.33
CA GLY B 63 23.26 16.42 9.33
C GLY B 63 23.04 17.01 7.94
N VAL B 64 22.58 16.19 7.01
CA VAL B 64 22.40 16.63 5.63
C VAL B 64 21.31 17.70 5.47
N TYR B 65 21.44 18.51 4.41
CA TYR B 65 20.45 19.54 4.08
C TYR B 65 19.25 18.92 3.38
N ALA B 66 19.48 17.81 2.69
CA ALA B 66 18.41 17.07 2.02
C ALA B 66 18.88 15.67 1.70
N ILE B 67 17.93 14.80 1.37
CA ILE B 67 18.25 13.46 0.98
C ILE B 67 17.65 13.20 -0.40
N PHE B 68 18.51 12.89 -1.37
CA PHE B 68 18.00 12.46 -2.66
C PHE B 68 17.84 10.97 -2.62
N GLY B 69 16.74 10.44 -3.16
CA GLY B 69 16.49 9.01 -3.01
C GLY B 69 15.29 8.46 -3.75
N PHE B 70 15.01 7.18 -3.50
CA PHE B 70 13.94 6.45 -4.16
C PHE B 70 13.11 5.75 -3.09
N TYR B 71 11.87 5.41 -3.43
CA TYR B 71 11.05 4.56 -2.57
C TYR B 71 10.20 3.68 -3.48
N ASP B 72 9.52 2.69 -2.93
CA ASP B 72 8.49 2.00 -3.70
C ASP B 72 7.21 1.92 -2.87
N LYS B 73 6.24 1.12 -3.32
CA LYS B 73 4.94 1.14 -2.65
C LYS B 73 5.10 0.64 -1.22
N LYS B 74 6.08 -0.22 -0.98
CA LYS B 74 6.29 -0.75 0.36
C LYS B 74 7.00 0.20 1.32
N SER B 75 7.81 1.12 0.80
CA SER B 75 8.60 2.00 1.68
C SER B 75 8.19 3.47 1.61
N VAL B 76 7.25 3.82 0.73
CA VAL B 76 6.87 5.24 0.60
C VAL B 76 6.40 5.83 1.93
N ASN B 77 5.65 5.05 2.70
CA ASN B 77 5.16 5.55 3.99
C ASN B 77 6.26 5.78 5.05
N THR B 78 7.32 5.00 4.97
CA THR B 78 8.51 5.28 5.78
C THR B 78 9.07 6.64 5.43
N ILE B 79 9.27 6.88 4.14
CA ILE B 79 9.80 8.17 3.71
C ILE B 79 8.94 9.38 4.11
N THR B 80 7.64 9.34 3.79
CA THR B 80 6.81 10.49 4.10
C THR B 80 6.73 10.73 5.60
N SER B 81 6.60 9.65 6.37
CA SER B 81 6.51 9.82 7.83
C SER B 81 7.81 10.34 8.45
N PHE B 82 8.95 9.77 8.05
CA PHE B 82 10.23 10.23 8.60
C PHE B 82 10.59 11.65 8.15
N CYS B 83 10.37 11.96 6.86
CA CYS B 83 10.48 13.32 6.34
C CYS B 83 9.65 14.31 7.13
N GLY B 84 8.38 13.98 7.31
CA GLY B 84 7.44 14.86 8.00
C GLY B 84 7.75 15.02 9.49
N THR B 85 8.20 13.95 10.14
CA THR B 85 8.53 14.00 11.57
C THR B 85 9.87 14.72 11.83
N LEU B 86 10.89 14.38 11.04
CA LEU B 86 12.24 14.87 11.30
C LEU B 86 12.53 16.22 10.65
N HIS B 87 11.71 16.59 9.65
CA HIS B 87 11.81 17.88 8.97
C HIS B 87 13.07 17.95 8.11
N VAL B 88 13.28 16.88 7.36
CA VAL B 88 14.40 16.74 6.43
C VAL B 88 13.79 16.54 5.06
N SER B 89 14.18 17.38 4.11
CA SER B 89 13.63 17.29 2.76
C SER B 89 14.14 16.09 1.97
N PHE B 90 13.22 15.40 1.31
CA PHE B 90 13.55 14.22 0.49
C PHE B 90 13.12 14.57 -0.92
N ILE B 91 14.05 14.44 -1.86
CA ILE B 91 13.78 14.77 -3.27
C ILE B 91 13.95 13.50 -4.09
N THR B 92 12.97 13.19 -4.94
CA THR B 92 12.92 11.85 -5.50
C THR B 92 12.39 11.79 -6.93
N PRO B 93 12.89 10.83 -7.71
CA PRO B 93 12.31 10.58 -9.04
C PRO B 93 11.25 9.47 -9.02
N SER B 94 10.93 8.93 -7.85
CA SER B 94 9.94 7.82 -7.75
C SER B 94 8.50 8.29 -8.05
N PHE B 95 7.56 7.35 -8.13
CA PHE B 95 6.16 7.74 -8.37
C PHE B 95 5.69 8.82 -7.38
N PRO B 96 4.95 9.82 -7.88
CA PRO B 96 4.46 10.88 -6.98
C PRO B 96 3.32 10.36 -6.12
N THR B 97 3.26 10.82 -4.87
CA THR B 97 2.27 10.29 -3.94
C THR B 97 0.87 10.79 -4.27
N ASP B 98 -0.12 9.99 -3.91
CA ASP B 98 -1.52 10.39 -4.04
C ASP B 98 -1.83 11.55 -3.09
N GLY B 99 -1.50 11.38 -1.82
CA GLY B 99 -1.88 12.35 -0.81
C GLY B 99 -0.90 13.51 -0.78
N THR B 100 -1.11 14.45 0.14
CA THR B 100 -0.18 15.55 0.30
C THR B 100 0.66 15.28 1.54
N HIS B 101 1.96 15.52 1.43
CA HIS B 101 2.93 15.19 2.48
C HIS B 101 4.02 16.26 2.41
N PRO B 102 4.32 16.91 3.55
CA PRO B 102 5.36 17.96 3.52
C PRO B 102 6.78 17.39 3.48
N PHE B 103 7.76 18.21 3.11
CA PHE B 103 9.17 17.80 3.09
C PHE B 103 9.45 16.72 2.05
N VAL B 104 8.60 16.64 1.04
CA VAL B 104 8.84 15.72 -0.06
C VAL B 104 8.76 16.47 -1.39
N ILE B 105 9.85 16.43 -2.16
CA ILE B 105 9.86 17.08 -3.46
C ILE B 105 9.82 16.00 -4.54
N GLN B 106 8.74 15.98 -5.32
CA GLN B 106 8.54 14.91 -6.29
C GLN B 106 8.92 15.38 -7.69
N MET B 107 10.05 14.89 -8.17
CA MET B 107 10.55 15.28 -9.49
C MET B 107 9.67 14.73 -10.61
N ARG B 108 9.00 13.62 -10.36
CA ARG B 108 8.28 12.92 -11.43
C ARG B 108 6.89 13.50 -11.57
N PRO B 109 6.55 14.01 -12.76
CA PRO B 109 5.19 14.53 -12.99
C PRO B 109 4.16 13.43 -12.90
N ASP B 110 2.95 13.77 -12.46
CA ASP B 110 1.90 12.76 -12.37
C ASP B 110 1.50 12.37 -13.78
N LEU B 111 1.16 11.10 -13.98
CA LEU B 111 0.82 10.59 -15.31
C LEU B 111 -0.68 10.38 -15.47
N LYS B 112 -1.39 10.32 -14.35
CA LYS B 112 -2.81 9.96 -14.34
C LYS B 112 -3.63 10.82 -15.30
N GLY B 113 -3.43 12.14 -15.24
CA GLY B 113 -4.24 13.05 -16.01
C GLY B 113 -4.03 12.87 -17.50
N ALA B 114 -2.77 12.71 -17.89
CA ALA B 114 -2.44 12.50 -19.31
C ALA B 114 -2.99 11.16 -19.80
N LEU B 115 -2.92 10.14 -18.95
CA LEU B 115 -3.48 8.84 -19.29
C LEU B 115 -4.99 8.93 -19.51
N LEU B 116 -5.70 9.57 -18.59
CA LEU B 116 -7.17 9.73 -18.73
C LEU B 116 -7.50 10.52 -19.99
N SER B 117 -6.75 11.57 -20.24
CA SER B 117 -7.00 12.39 -21.43
C SER B 117 -6.73 11.60 -22.72
N LEU B 118 -5.72 10.74 -22.69
CA LEU B 118 -5.36 9.98 -23.89
C LEU B 118 -6.42 8.91 -24.20
N ILE B 119 -6.97 8.28 -23.17
CA ILE B 119 -8.05 7.33 -23.37
C ILE B 119 -9.24 8.02 -24.04
N GLU B 120 -9.57 9.22 -23.55
CA GLU B 120 -10.62 10.03 -24.13
C GLU B 120 -10.30 10.43 -25.56
N TYR B 121 -9.02 10.74 -25.79
CA TYR B 121 -8.56 11.23 -27.09
C TYR B 121 -8.82 10.21 -28.18
N TYR B 122 -8.61 8.93 -27.85
CA TYR B 122 -8.82 7.85 -28.78
C TYR B 122 -10.28 7.40 -28.76
N GLN B 123 -11.06 8.00 -27.87
CA GLN B 123 -12.48 7.71 -27.76
C GLN B 123 -12.76 6.25 -27.38
N TRP B 124 -11.86 5.68 -26.59
CA TRP B 124 -12.06 4.32 -26.10
C TRP B 124 -13.24 4.31 -25.14
N ASP B 125 -14.03 3.24 -25.14
CA ASP B 125 -15.02 3.07 -24.08
C ASP B 125 -15.05 1.64 -23.57
N LYS B 126 -14.21 0.80 -24.15
CA LYS B 126 -14.06 -0.58 -23.72
C LYS B 126 -12.60 -1.00 -23.90
N PHE B 127 -11.97 -1.45 -22.82
CA PHE B 127 -10.55 -1.79 -22.90
C PHE B 127 -10.07 -2.63 -21.73
N ALA B 128 -8.97 -3.33 -21.94
CA ALA B 128 -8.34 -4.08 -20.86
C ALA B 128 -7.33 -3.17 -20.17
N TYR B 129 -7.12 -3.38 -18.88
CA TYR B 129 -6.10 -2.63 -18.16
C TYR B 129 -5.17 -3.62 -17.47
N LEU B 130 -3.95 -3.77 -17.99
CA LEU B 130 -3.02 -4.75 -17.44
C LEU B 130 -2.14 -4.02 -16.46
N TYR B 131 -2.34 -4.29 -15.18
CA TYR B 131 -1.58 -3.58 -14.16
C TYR B 131 -0.72 -4.60 -13.41
N ASP B 132 0.22 -4.12 -12.62
CA ASP B 132 0.88 -5.05 -11.73
C ASP B 132 0.99 -4.51 -10.32
N SER B 133 0.48 -5.29 -9.38
CA SER B 133 0.36 -4.89 -7.98
C SER B 133 1.72 -4.67 -7.33
N ASP B 134 2.76 -5.22 -7.92
CA ASP B 134 4.13 -4.92 -7.46
C ASP B 134 4.52 -3.47 -7.74
N ARG B 135 4.11 -2.97 -8.90
CA ARG B 135 4.21 -1.54 -9.22
C ARG B 135 3.30 -0.61 -8.41
N GLY B 136 2.07 -1.04 -8.18
CA GLY B 136 1.04 -0.24 -7.52
C GLY B 136 -0.22 -0.01 -8.34
N LEU B 137 -1.31 0.33 -7.65
CA LEU B 137 -2.64 0.43 -8.27
C LEU B 137 -3.22 1.83 -8.44
N SER B 138 -2.45 2.87 -8.11
CA SER B 138 -2.96 4.23 -8.05
C SER B 138 -3.46 4.77 -9.39
N THR B 139 -2.75 4.44 -10.46
CA THR B 139 -3.20 4.85 -11.78
C THR B 139 -4.45 4.05 -12.19
N LEU B 140 -4.42 2.73 -11.98
CA LEU B 140 -5.61 1.88 -12.18
C LEU B 140 -6.83 2.47 -11.47
N GLN B 141 -6.66 2.88 -10.21
CA GLN B 141 -7.75 3.45 -9.44
C GLN B 141 -8.32 4.72 -10.05
N ALA B 142 -7.45 5.59 -10.56
CA ALA B 142 -7.88 6.85 -11.19
C ALA B 142 -8.74 6.54 -12.40
N VAL B 143 -8.34 5.51 -13.14
CA VAL B 143 -9.08 5.07 -14.32
C VAL B 143 -10.43 4.44 -13.96
N LEU B 144 -10.45 3.61 -12.92
CA LEU B 144 -11.69 2.97 -12.48
C LEU B 144 -12.68 4.02 -11.97
N ASP B 145 -12.15 5.00 -11.23
CA ASP B 145 -12.96 6.10 -10.72
C ASP B 145 -13.62 6.86 -11.87
N SER B 146 -12.87 7.08 -12.93
CA SER B 146 -13.41 7.82 -14.07
C SER B 146 -14.34 6.98 -14.96
N ALA B 147 -14.15 5.66 -14.97
CA ALA B 147 -14.96 4.78 -15.79
C ALA B 147 -16.45 5.00 -15.53
N ALA B 148 -16.78 5.29 -14.29
CA ALA B 148 -18.16 5.56 -13.91
C ALA B 148 -18.70 6.71 -14.77
N GLU B 149 -18.12 7.89 -14.59
CA GLU B 149 -18.57 9.11 -15.26
C GLU B 149 -18.44 9.05 -16.78
N LYS B 150 -17.43 8.35 -17.26
CA LYS B 150 -17.09 8.41 -18.69
C LYS B 150 -17.72 7.28 -19.51
N LYS B 151 -18.51 6.43 -18.87
CA LYS B 151 -19.13 5.29 -19.55
C LYS B 151 -18.10 4.30 -20.09
N TRP B 152 -17.09 3.96 -19.28
CA TRP B 152 -16.03 3.08 -19.75
C TRP B 152 -16.25 1.67 -19.22
N GLN B 153 -15.97 0.67 -20.06
CA GLN B 153 -16.01 -0.71 -19.60
C GLN B 153 -14.60 -1.27 -19.50
N VAL B 154 -14.10 -1.33 -18.28
CA VAL B 154 -12.71 -1.68 -18.06
C VAL B 154 -12.61 -3.10 -17.52
N THR B 155 -11.77 -3.90 -18.18
CA THR B 155 -11.45 -5.23 -17.69
C THR B 155 -10.02 -5.18 -17.15
N ALA B 156 -9.87 -5.30 -15.83
CA ALA B 156 -8.58 -5.10 -15.19
C ALA B 156 -7.93 -6.41 -14.77
N ILE B 157 -6.69 -6.63 -15.21
CA ILE B 157 -5.99 -7.87 -14.95
C ILE B 157 -4.60 -7.63 -14.39
N ASN B 158 -4.29 -8.33 -13.30
CA ASN B 158 -3.01 -8.19 -12.63
C ASN B 158 -1.94 -9.05 -13.28
N VAL B 159 -1.09 -8.44 -14.10
CA VAL B 159 0.01 -9.16 -14.72
C VAL B 159 1.18 -9.34 -13.76
N GLY B 160 1.03 -8.77 -12.56
CA GLY B 160 1.85 -9.20 -11.44
C GLY B 160 1.49 -10.65 -11.21
N ASN B 161 2.06 -11.29 -10.19
CA ASN B 161 1.69 -12.66 -9.88
C ASN B 161 1.77 -13.49 -11.16
N ILE B 162 2.83 -13.27 -11.94
CA ILE B 162 2.97 -13.87 -13.25
C ILE B 162 3.69 -15.22 -13.18
N ASN B 163 4.63 -15.34 -12.25
CA ASN B 163 5.26 -16.61 -11.93
C ASN B 163 4.72 -17.11 -10.60
N ASN B 164 3.85 -16.32 -10.00
CA ASN B 164 3.45 -16.58 -8.64
C ASN B 164 2.19 -17.40 -8.51
N ASP B 165 1.65 -17.52 -7.30
CA ASP B 165 0.60 -18.49 -7.08
C ASP B 165 -0.60 -18.36 -8.01
N LYS B 166 -0.91 -17.14 -8.40
CA LYS B 166 -2.14 -16.83 -9.13
C LYS B 166 -1.93 -16.80 -10.64
N LYS B 167 -0.78 -17.30 -11.04
CA LYS B 167 -0.36 -17.39 -12.43
C LYS B 167 -1.48 -17.95 -13.30
N ASP B 168 -2.18 -18.95 -12.77
CA ASP B 168 -3.19 -19.69 -13.53
C ASP B 168 -4.41 -18.85 -13.88
N GLU B 169 -4.95 -18.14 -12.90
CA GLU B 169 -6.11 -17.28 -13.12
C GLU B 169 -5.81 -16.17 -14.13
N THR B 170 -4.56 -15.73 -14.15
CA THR B 170 -4.11 -14.61 -14.99
C THR B 170 -4.23 -14.92 -16.49
N TYR B 171 -3.49 -15.92 -16.94
CA TYR B 171 -3.53 -16.32 -18.34
C TYR B 171 -4.93 -16.75 -18.78
N ARG B 172 -5.74 -17.19 -17.82
CA ARG B 172 -7.14 -17.51 -18.10
C ARG B 172 -7.88 -16.21 -18.43
N SER B 173 -7.82 -15.26 -17.50
CA SER B 173 -8.39 -13.93 -17.71
C SER B 173 -7.92 -13.35 -19.04
N LEU B 174 -6.61 -13.41 -19.27
CA LEU B 174 -6.00 -12.88 -20.49
C LEU B 174 -6.55 -13.60 -21.71
N PHE B 175 -6.60 -14.93 -21.64
CA PHE B 175 -7.10 -15.73 -22.74
C PHE B 175 -8.57 -15.38 -23.01
N GLN B 176 -9.34 -15.29 -21.94
CA GLN B 176 -10.75 -14.94 -22.05
C GLN B 176 -10.90 -13.57 -22.68
N ASP B 177 -10.12 -12.62 -22.19
CA ASP B 177 -10.20 -11.25 -22.69
C ASP B 177 -9.66 -11.11 -24.11
N LEU B 178 -8.47 -11.66 -24.34
CA LEU B 178 -7.76 -11.46 -25.61
C LEU B 178 -8.30 -12.32 -26.76
N GLU B 179 -8.58 -13.58 -26.48
CA GLU B 179 -9.09 -14.50 -27.50
C GLU B 179 -10.61 -14.50 -27.54
N LEU B 180 -11.22 -14.75 -26.39
CA LEU B 180 -12.65 -14.93 -26.30
C LEU B 180 -13.41 -13.61 -26.45
N LYS B 181 -13.24 -12.67 -25.52
CA LYS B 181 -13.88 -11.36 -25.68
C LYS B 181 -13.36 -10.51 -26.86
N LYS B 182 -12.16 -10.79 -27.36
CA LYS B 182 -11.60 -9.99 -28.45
C LYS B 182 -11.46 -8.49 -28.12
N GLU B 183 -10.75 -8.18 -27.03
CA GLU B 183 -10.59 -6.81 -26.53
C GLU B 183 -9.88 -5.74 -27.39
N ARG B 184 -8.76 -6.09 -27.99
CA ARG B 184 -7.99 -5.29 -28.96
C ARG B 184 -7.39 -3.97 -28.39
N ARG B 185 -8.04 -3.37 -27.40
CA ARG B 185 -7.53 -2.15 -26.80
C ARG B 185 -7.02 -2.40 -25.38
N VAL B 186 -5.74 -2.10 -25.16
CA VAL B 186 -5.05 -2.58 -23.97
C VAL B 186 -4.09 -1.54 -23.42
N ILE B 187 -4.23 -1.23 -22.13
CA ILE B 187 -3.28 -0.37 -21.44
C ILE B 187 -2.28 -1.23 -20.65
N LEU B 188 -1.00 -0.95 -20.80
CA LEU B 188 0.03 -1.65 -20.05
C LEU B 188 0.59 -0.73 -18.98
N ASP B 189 0.30 -1.05 -17.72
CA ASP B 189 0.76 -0.25 -16.60
C ASP B 189 1.78 -1.09 -15.84
N CYS B 190 3.06 -0.93 -16.20
CA CYS B 190 4.16 -1.73 -15.65
C CYS B 190 5.49 -1.00 -15.77
N GLU B 191 6.54 -1.61 -15.21
CA GLU B 191 7.91 -1.09 -15.32
C GLU B 191 8.37 -1.09 -16.79
N ARG B 192 9.02 -0.01 -17.22
CA ARG B 192 9.37 0.16 -18.64
C ARG B 192 10.10 -1.06 -19.22
N ASP B 193 10.85 -1.78 -18.39
CA ASP B 193 11.60 -2.93 -18.87
C ASP B 193 10.80 -4.24 -18.87
N LYS B 194 9.55 -4.18 -18.43
CA LYS B 194 8.67 -5.35 -18.46
C LYS B 194 7.74 -5.31 -19.66
N VAL B 195 7.74 -4.19 -20.36
CA VAL B 195 6.85 -4.01 -21.51
C VAL B 195 7.02 -5.18 -22.48
N ASN B 196 8.25 -5.36 -22.96
CA ASN B 196 8.60 -6.46 -23.86
C ASN B 196 8.07 -7.81 -23.38
N ASP B 197 8.41 -8.15 -22.14
CA ASP B 197 8.03 -9.44 -21.59
C ASP B 197 6.52 -9.66 -21.69
N ILE B 198 5.76 -8.61 -21.39
CA ILE B 198 4.30 -8.72 -21.34
C ILE B 198 3.64 -8.68 -22.72
N VAL B 199 4.15 -7.84 -23.61
CA VAL B 199 3.59 -7.78 -24.96
C VAL B 199 3.69 -9.14 -25.64
N ASP B 200 4.86 -9.77 -25.53
CA ASP B 200 5.07 -11.09 -26.10
C ASP B 200 4.04 -12.07 -25.57
N GLN B 201 3.73 -11.95 -24.28
CA GLN B 201 2.66 -12.74 -23.67
C GLN B 201 1.37 -12.54 -24.45
N VAL B 202 1.00 -11.28 -24.66
CA VAL B 202 -0.25 -10.93 -25.33
C VAL B 202 -0.31 -11.44 -26.77
N ILE B 203 0.81 -11.30 -27.48
CA ILE B 203 0.91 -11.80 -28.85
C ILE B 203 0.59 -13.29 -28.92
N THR B 204 1.05 -14.01 -27.90
CA THR B 204 0.88 -15.46 -27.86
C THR B 204 -0.37 -15.86 -27.08
N VAL B 209 -4.64 -9.21 -33.82
CA VAL B 209 -3.31 -9.04 -33.23
C VAL B 209 -2.66 -7.83 -33.85
N LYS B 210 -2.59 -7.81 -35.17
CA LYS B 210 -2.11 -6.66 -35.89
C LYS B 210 -3.03 -5.47 -35.61
N GLY B 211 -4.26 -5.78 -35.21
CA GLY B 211 -5.28 -4.78 -34.96
C GLY B 211 -5.41 -4.38 -33.51
N TYR B 212 -4.45 -4.78 -32.68
CA TYR B 212 -4.44 -4.34 -31.29
C TYR B 212 -3.98 -2.89 -31.24
N HIS B 213 -4.27 -2.23 -30.12
CA HIS B 213 -3.77 -0.89 -29.84
C HIS B 213 -3.40 -0.82 -28.35
N TYR B 214 -2.10 -0.67 -28.08
CA TYR B 214 -1.57 -0.63 -26.73
C TYR B 214 -1.29 0.81 -26.31
N ILE B 215 -1.56 1.12 -25.04
CA ILE B 215 -1.08 2.36 -24.48
C ILE B 215 -0.12 1.95 -23.37
N ILE B 216 1.10 2.45 -23.44
CA ILE B 216 2.11 2.13 -22.43
C ILE B 216 2.05 3.23 -21.37
N ALA B 217 1.53 2.86 -20.19
CA ALA B 217 1.34 3.85 -19.14
C ALA B 217 2.62 4.09 -18.36
N ASN B 218 3.57 4.75 -19.00
CA ASN B 218 4.78 5.15 -18.32
C ASN B 218 5.38 6.35 -19.01
N LEU B 219 6.26 7.06 -18.30
CA LEU B 219 6.78 8.32 -18.80
C LEU B 219 7.99 8.17 -19.71
N GLY B 220 8.36 6.93 -20.01
CA GLY B 220 9.52 6.67 -20.84
C GLY B 220 9.24 5.85 -22.08
N PHE B 221 8.36 6.32 -22.95
CA PHE B 221 8.01 5.58 -24.18
C PHE B 221 9.24 5.04 -24.92
N THR B 222 10.22 5.90 -25.18
CA THR B 222 11.37 5.50 -25.99
C THR B 222 12.56 4.97 -25.19
N ASP B 223 12.37 4.75 -23.89
CA ASP B 223 13.48 4.31 -23.04
C ASP B 223 13.92 2.90 -23.38
N GLY B 224 12.97 2.04 -23.75
CA GLY B 224 13.24 0.63 -23.91
C GLY B 224 13.12 0.12 -25.33
N ASP B 225 12.51 -1.06 -25.48
CA ASP B 225 12.37 -1.70 -26.79
C ASP B 225 11.17 -1.18 -27.58
N LEU B 226 11.39 -0.71 -28.79
CA LEU B 226 10.27 -0.31 -29.65
C LEU B 226 10.35 -0.81 -31.09
N LEU B 227 10.17 -2.11 -31.29
CA LEU B 227 10.05 -2.67 -32.62
C LEU B 227 8.57 -2.87 -32.84
N LYS B 228 8.16 -3.93 -33.52
CA LYS B 228 9.04 -4.97 -34.06
C LYS B 228 9.59 -5.83 -32.95
N ILE B 229 9.17 -5.53 -31.73
CA ILE B 229 9.65 -6.20 -30.53
C ILE B 229 9.27 -7.67 -30.50
N GLN B 230 8.08 -7.97 -31.03
CA GLN B 230 7.37 -6.99 -31.83
C GLN B 230 5.92 -6.90 -31.43
N PHE B 231 5.28 -5.80 -31.83
CA PHE B 231 3.88 -5.60 -31.58
C PHE B 231 3.05 -6.16 -32.75
N GLY B 232 3.75 -6.66 -33.76
CA GLY B 232 3.12 -7.29 -34.90
C GLY B 232 2.16 -6.46 -35.72
N GLY B 233 2.51 -5.19 -35.94
CA GLY B 233 1.66 -4.27 -36.69
C GLY B 233 0.58 -3.61 -35.84
N ALA B 234 0.62 -3.86 -34.53
CA ALA B 234 -0.33 -3.21 -33.62
C ALA B 234 -0.01 -1.72 -33.50
N ASN B 235 -1.03 -0.92 -33.15
CA ASN B 235 -0.79 0.47 -32.78
C ASN B 235 -0.20 0.51 -31.36
N VAL B 236 0.78 1.38 -31.17
CA VAL B 236 1.37 1.58 -29.84
C VAL B 236 1.50 3.06 -29.55
N SER B 237 0.97 3.49 -28.41
CA SER B 237 0.97 4.87 -27.98
C SER B 237 1.56 4.98 -26.58
N GLY B 238 2.10 6.15 -26.26
CA GLY B 238 2.64 6.37 -24.93
C GLY B 238 3.02 7.82 -24.66
N PHE B 239 3.87 7.98 -23.64
CA PHE B 239 4.16 9.26 -23.03
C PHE B 239 5.67 9.42 -22.87
N GLN B 240 6.14 10.66 -22.98
CA GLN B 240 7.57 10.96 -22.93
C GLN B 240 7.75 12.35 -22.34
N ILE B 241 8.59 12.47 -21.31
CA ILE B 241 8.84 13.77 -20.68
C ILE B 241 10.20 14.33 -21.06
N VAL B 242 11.04 13.48 -21.65
CA VAL B 242 12.32 13.92 -22.16
C VAL B 242 12.22 14.06 -23.67
N ASP B 243 12.28 15.30 -24.14
CA ASP B 243 12.11 15.60 -25.55
C ASP B 243 13.48 15.74 -26.23
N TYR B 244 13.88 14.73 -26.99
CA TYR B 244 15.20 14.72 -27.60
C TYR B 244 15.41 15.82 -28.66
N ASP B 245 14.35 16.53 -29.02
CA ASP B 245 14.46 17.70 -29.91
C ASP B 245 14.74 19.01 -29.19
N ASP B 246 14.62 19.03 -27.86
CA ASP B 246 15.02 20.20 -27.07
C ASP B 246 16.51 20.36 -27.20
N SER B 247 16.99 21.58 -27.36
CA SER B 247 18.43 21.77 -27.49
C SER B 247 19.13 21.43 -26.17
N LEU B 248 18.47 21.70 -25.05
CA LEU B 248 19.00 21.30 -23.75
C LEU B 248 19.24 19.79 -23.72
N VAL B 249 18.25 19.02 -24.16
CA VAL B 249 18.37 17.57 -24.16
C VAL B 249 19.40 17.08 -25.20
N SER B 250 19.36 17.63 -26.40
CA SER B 250 20.36 17.27 -27.43
C SER B 250 21.80 17.49 -26.95
N LYS B 251 22.04 18.63 -26.30
CA LYS B 251 23.38 18.96 -25.84
C LYS B 251 23.83 17.97 -24.79
N PHE B 252 22.96 17.69 -23.83
CA PHE B 252 23.25 16.69 -22.81
C PHE B 252 23.61 15.35 -23.43
N ILE B 253 22.78 14.89 -24.36
CA ILE B 253 22.99 13.61 -25.02
C ILE B 253 24.31 13.60 -25.81
N GLU B 254 24.63 14.71 -26.47
CA GLU B 254 25.91 14.80 -27.18
C GLU B 254 27.09 14.51 -26.23
N ARG B 255 27.01 15.03 -25.01
CA ARG B 255 28.03 14.82 -24.01
C ARG B 255 27.99 13.41 -23.41
N TRP B 256 26.79 12.95 -23.06
CA TRP B 256 26.54 11.67 -22.38
C TRP B 256 26.94 10.46 -23.25
N SER B 257 26.76 10.59 -24.55
CA SER B 257 26.94 9.48 -25.47
C SER B 257 28.40 9.03 -25.61
N THR B 258 29.35 9.84 -25.14
CA THR B 258 30.76 9.48 -25.25
C THR B 258 31.41 9.11 -23.91
N LEU B 259 30.65 9.28 -22.82
CA LEU B 259 31.14 8.88 -21.51
C LEU B 259 31.44 7.40 -21.49
N GLU B 260 32.58 7.03 -20.92
CA GLU B 260 33.02 5.64 -20.90
C GLU B 260 32.13 4.74 -20.01
N GLU B 261 31.71 3.61 -20.57
CA GLU B 261 30.64 2.80 -19.99
C GLU B 261 31.04 2.12 -18.68
N LYS B 262 32.32 1.76 -18.54
CA LYS B 262 32.77 1.16 -17.28
C LYS B 262 32.78 2.19 -16.17
N GLU B 263 33.26 3.40 -16.47
CA GLU B 263 33.32 4.50 -15.50
C GLU B 263 31.94 5.08 -15.16
N TYR B 264 31.04 5.11 -16.15
CA TYR B 264 29.69 5.65 -15.99
C TYR B 264 28.67 4.62 -16.48
N PRO B 265 28.41 3.60 -15.68
CA PRO B 265 27.46 2.54 -16.06
C PRO B 265 26.17 3.14 -16.59
N GLY B 266 25.67 2.62 -17.70
CA GLY B 266 24.43 3.07 -18.30
C GLY B 266 24.58 4.28 -19.21
N ALA B 267 25.79 4.81 -19.30
CA ALA B 267 26.09 5.94 -20.19
C ALA B 267 26.49 5.46 -21.58
N HIS B 268 27.02 6.36 -22.40
CA HIS B 268 27.40 6.03 -23.75
C HIS B 268 26.19 5.53 -24.55
N THR B 269 25.06 6.18 -24.32
CA THR B 269 23.81 5.85 -24.98
C THR B 269 23.24 7.10 -25.70
N ALA B 270 22.36 6.89 -26.67
CA ALA B 270 21.71 7.99 -27.37
C ALA B 270 20.40 8.39 -26.69
N THR B 271 19.99 7.63 -25.68
CA THR B 271 18.82 7.97 -24.89
C THR B 271 19.13 7.85 -23.40
N ILE B 272 18.27 8.41 -22.57
CA ILE B 272 18.46 8.30 -21.13
C ILE B 272 17.10 7.96 -20.49
N LYS B 273 17.08 6.98 -19.59
CA LYS B 273 15.84 6.63 -18.90
C LYS B 273 15.28 7.88 -18.25
N TYR B 274 13.96 8.01 -18.23
CA TYR B 274 13.36 9.22 -17.64
C TYR B 274 13.73 9.36 -16.15
N THR B 275 13.92 8.24 -15.45
CA THR B 275 14.28 8.30 -14.03
C THR B 275 15.69 8.85 -13.84
N SER B 276 16.58 8.53 -14.78
CA SER B 276 17.94 9.09 -14.77
C SER B 276 17.93 10.56 -15.14
N ALA B 277 17.08 10.93 -16.10
CA ALA B 277 16.88 12.34 -16.46
C ALA B 277 16.42 13.17 -15.26
N LEU B 278 15.41 12.64 -14.56
CA LEU B 278 14.91 13.28 -13.34
C LEU B 278 15.95 13.35 -12.20
N THR B 279 16.88 12.40 -12.17
CA THR B 279 17.94 12.38 -11.16
C THR B 279 18.93 13.52 -11.44
N TYR B 280 19.29 13.67 -12.70
CA TYR B 280 20.13 14.79 -13.14
C TYR B 280 19.43 16.12 -12.84
N ASP B 281 18.14 16.19 -13.17
CA ASP B 281 17.37 17.40 -12.95
C ASP B 281 17.33 17.73 -11.46
N ALA B 282 17.28 16.69 -10.63
CA ALA B 282 17.22 16.88 -9.18
C ALA B 282 18.49 17.55 -8.66
N VAL B 283 19.63 17.22 -9.25
CA VAL B 283 20.88 17.88 -8.89
C VAL B 283 20.84 19.39 -9.22
N GLN B 284 20.27 19.74 -10.37
CA GLN B 284 20.13 21.15 -10.72
C GLN B 284 19.22 21.84 -9.71
N VAL B 285 18.13 21.18 -9.34
CA VAL B 285 17.16 21.74 -8.40
C VAL B 285 17.81 21.99 -7.03
N MET B 286 18.52 21.00 -6.52
CA MET B 286 19.18 21.18 -5.22
C MET B 286 20.22 22.31 -5.29
N THR B 287 20.95 22.39 -6.40
CA THR B 287 21.98 23.40 -6.55
C THR B 287 21.38 24.81 -6.51
N GLU B 288 20.35 25.01 -7.32
CA GLU B 288 19.66 26.29 -7.37
C GLU B 288 19.07 26.69 -6.02
N ALA B 289 18.43 25.74 -5.34
CA ALA B 289 17.83 26.00 -4.03
C ALA B 289 18.88 26.36 -2.98
N PHE B 290 20.00 25.67 -2.98
CA PHE B 290 20.98 25.77 -1.90
C PHE B 290 21.91 26.97 -2.08
N ARG B 291 21.98 27.52 -3.28
CA ARG B 291 22.68 28.78 -3.46
C ARG B 291 21.99 29.84 -2.62
N ASN B 292 22.77 30.66 -1.92
CA ASN B 292 22.21 31.74 -1.11
C ASN B 292 21.22 31.25 -0.06
N LEU B 293 21.54 30.14 0.59
CA LEU B 293 20.62 29.54 1.54
C LEU B 293 20.66 28.03 1.38
N ARG B 302 31.10 12.95 8.97
CA ARG B 302 32.00 11.91 9.34
C ARG B 302 31.31 10.59 9.11
N ARG B 303 30.40 10.25 10.00
CA ARG B 303 29.68 9.01 9.90
C ARG B 303 28.27 9.26 10.42
N GLY B 304 27.38 8.30 10.23
CA GLY B 304 26.04 8.46 10.69
C GLY B 304 25.62 7.28 11.52
N ASN B 305 24.86 7.53 12.53
CA ASN B 305 24.37 6.50 13.44
C ASN B 305 22.86 6.48 13.34
N ALA B 306 22.33 5.38 12.81
CA ALA B 306 20.89 5.26 12.59
C ALA B 306 20.07 5.44 13.87
N GLY B 307 20.60 4.96 14.99
CA GLY B 307 19.97 5.18 16.29
C GLY B 307 19.64 6.63 16.60
N ASP B 308 20.24 7.59 15.89
CA ASP B 308 19.98 9.01 16.13
C ASP B 308 18.53 9.42 15.85
N CYS B 309 17.84 8.62 15.04
CA CYS B 309 16.42 8.87 14.78
C CYS B 309 15.63 8.85 16.08
N LEU B 310 16.09 8.04 17.02
CA LEU B 310 15.46 7.93 18.33
C LEU B 310 16.19 8.70 19.45
N ALA B 311 17.47 9.00 19.25
CA ALA B 311 18.24 9.68 20.28
C ALA B 311 18.23 11.19 20.12
N ASN B 312 18.16 11.66 18.89
CA ASN B 312 18.19 13.09 18.64
C ASN B 312 16.79 13.61 18.38
N PRO B 313 16.55 14.88 18.73
CA PRO B 313 15.29 15.54 18.37
C PRO B 313 15.23 15.85 16.87
N ALA B 314 14.04 16.13 16.38
CA ALA B 314 13.86 16.55 14.99
C ALA B 314 14.53 17.86 14.75
N VAL B 315 14.92 18.11 13.51
CA VAL B 315 15.32 19.46 13.11
C VAL B 315 14.15 20.38 13.43
N PRO B 316 14.42 21.49 14.13
CA PRO B 316 13.33 22.44 14.40
C PRO B 316 12.60 22.79 13.10
N TRP B 317 11.27 22.76 13.14
CA TRP B 317 10.48 22.93 11.93
C TRP B 317 10.86 24.21 11.19
N GLY B 318 10.99 25.31 11.96
CA GLY B 318 11.36 26.59 11.40
C GLY B 318 12.63 26.56 10.57
N GLN B 319 13.55 25.66 10.92
CA GLN B 319 14.79 25.54 10.16
C GLN B 319 14.59 24.65 8.93
N GLY B 320 13.99 23.48 9.13
CA GLY B 320 13.75 22.57 8.04
C GLY B 320 12.93 23.19 6.92
N VAL B 321 11.90 23.93 7.30
CA VAL B 321 10.98 24.49 6.32
C VAL B 321 11.65 25.53 5.41
N GLU B 322 12.70 26.19 5.89
CA GLU B 322 13.39 27.14 5.03
C GLU B 322 14.00 26.43 3.83
N ILE B 323 14.56 25.25 4.08
CA ILE B 323 15.14 24.41 3.03
C ILE B 323 14.08 23.84 2.10
N GLU B 324 13.01 23.32 2.70
CA GLU B 324 11.87 22.78 1.96
C GLU B 324 11.36 23.84 0.98
N ARG B 325 11.11 25.05 1.49
CA ARG B 325 10.59 26.11 0.64
C ARG B 325 11.57 26.48 -0.46
N ALA B 326 12.87 26.54 -0.14
CA ALA B 326 13.88 26.88 -1.14
C ALA B 326 13.86 25.89 -2.31
N LEU B 327 13.65 24.61 -2.00
CA LEU B 327 13.55 23.59 -3.04
C LEU B 327 12.27 23.78 -3.86
N LYS B 328 11.14 23.97 -3.18
CA LYS B 328 9.85 24.10 -3.86
C LYS B 328 9.72 25.35 -4.72
N GLN B 329 10.52 26.36 -4.43
CA GLN B 329 10.47 27.63 -5.16
C GLN B 329 11.33 27.63 -6.42
N VAL B 330 12.09 26.57 -6.64
CA VAL B 330 13.00 26.55 -7.78
C VAL B 330 12.16 26.54 -9.07
N GLN B 331 12.58 27.32 -10.05
CA GLN B 331 12.00 27.27 -11.41
C GLN B 331 13.13 27.19 -12.43
N VAL B 332 13.28 26.02 -13.06
CA VAL B 332 14.38 25.83 -14.00
C VAL B 332 13.93 24.96 -15.17
N GLU B 333 14.75 24.96 -16.21
CA GLU B 333 14.51 24.15 -17.38
C GLU B 333 15.50 23.00 -17.26
N GLY B 334 15.01 21.76 -17.40
CA GLY B 334 15.88 20.59 -17.32
C GLY B 334 15.64 19.59 -18.44
N LEU B 335 16.22 18.40 -18.31
CA LEU B 335 15.95 17.30 -19.24
C LEU B 335 14.47 16.98 -19.29
N SER B 336 13.80 17.09 -18.15
CA SER B 336 12.37 16.79 -18.08
C SER B 336 11.48 18.00 -18.38
N GLY B 337 12.06 19.00 -19.04
CA GLY B 337 11.30 20.16 -19.47
C GLY B 337 11.19 21.21 -18.40
N ASN B 338 10.07 21.93 -18.37
CA ASN B 338 9.87 23.00 -17.39
C ASN B 338 9.66 22.41 -16.00
N ILE B 339 10.48 22.85 -15.05
CA ILE B 339 10.41 22.32 -13.69
C ILE B 339 9.89 23.39 -12.72
N LYS B 340 8.73 23.14 -12.14
CA LYS B 340 8.11 24.04 -11.16
C LYS B 340 7.33 23.18 -10.21
N PHE B 341 7.23 23.59 -8.95
CA PHE B 341 6.50 22.80 -7.95
C PHE B 341 5.36 23.60 -7.33
N ASP B 342 4.32 22.91 -6.90
CA ASP B 342 3.31 23.54 -6.06
C ASP B 342 3.75 23.45 -4.60
N GLN B 343 2.88 23.86 -3.69
CA GLN B 343 3.26 23.94 -2.28
C GLN B 343 3.39 22.56 -1.64
N ASN B 344 2.91 21.53 -2.33
CA ASN B 344 3.03 20.16 -1.83
C ASN B 344 4.16 19.37 -2.51
N GLY B 345 5.01 20.09 -3.23
CA GLY B 345 6.14 19.46 -3.90
C GLY B 345 5.80 18.66 -5.15
N LYS B 346 4.63 18.90 -5.73
CA LYS B 346 4.25 18.23 -6.98
C LYS B 346 4.64 19.08 -8.18
N ARG B 347 5.15 18.45 -9.23
CA ARG B 347 5.44 19.16 -10.48
C ARG B 347 4.16 19.80 -10.97
N ILE B 348 4.23 21.09 -11.34
CA ILE B 348 3.15 21.76 -12.07
C ILE B 348 3.67 22.47 -13.33
N ASN B 349 2.77 22.83 -14.23
CA ASN B 349 3.14 23.54 -15.45
C ASN B 349 4.14 22.78 -16.31
N TYR B 350 4.06 21.45 -16.29
CA TYR B 350 4.96 20.66 -17.12
C TYR B 350 4.20 20.28 -18.38
N THR B 351 4.89 19.64 -19.31
CA THR B 351 4.22 19.11 -20.50
C THR B 351 4.66 17.66 -20.72
N ILE B 352 3.70 16.80 -21.05
CA ILE B 352 4.01 15.44 -21.41
C ILE B 352 3.76 15.29 -22.92
N ASN B 353 4.76 14.83 -23.66
CA ASN B 353 4.55 14.54 -25.07
C ASN B 353 3.82 13.22 -25.30
N ILE B 354 2.87 13.24 -26.23
CA ILE B 354 2.12 12.05 -26.60
C ILE B 354 2.74 11.44 -27.87
N MET B 355 3.13 10.17 -27.76
CA MET B 355 3.86 9.49 -28.81
C MET B 355 3.07 8.34 -29.41
N GLU B 356 3.37 8.04 -30.67
CA GLU B 356 2.89 6.83 -31.32
C GLU B 356 4.05 6.18 -32.07
N LEU B 357 4.07 4.85 -32.10
CA LEU B 357 5.11 4.15 -32.83
C LEU B 357 4.73 4.07 -34.30
N LYS B 358 5.47 4.77 -35.15
CA LYS B 358 5.20 4.72 -36.58
C LYS B 358 6.22 3.83 -37.28
N THR B 359 5.93 3.46 -38.53
CA THR B 359 6.80 2.52 -39.24
C THR B 359 8.26 2.96 -39.28
N ASN B 360 8.50 4.27 -39.20
CA ASN B 360 9.87 4.76 -39.13
C ASN B 360 10.29 5.17 -37.73
N GLY B 361 9.64 4.58 -36.73
CA GLY B 361 10.04 4.80 -35.35
C GLY B 361 9.05 5.64 -34.58
N PRO B 362 9.33 5.89 -33.30
CA PRO B 362 8.38 6.64 -32.45
C PRO B 362 8.27 8.08 -32.90
N ARG B 363 7.06 8.62 -32.85
CA ARG B 363 6.82 10.00 -33.25
C ARG B 363 5.93 10.73 -32.26
N LYS B 364 6.26 12.00 -32.03
CA LYS B 364 5.46 12.90 -31.21
C LYS B 364 4.24 13.34 -32.02
N ILE B 365 3.05 12.94 -31.58
CA ILE B 365 1.85 13.31 -32.32
C ILE B 365 1.08 14.44 -31.64
N GLY B 366 1.48 14.77 -30.41
CA GLY B 366 0.83 15.82 -29.64
C GLY B 366 1.39 15.97 -28.24
N TYR B 367 0.70 16.73 -27.41
CA TYR B 367 1.18 16.96 -26.05
C TYR B 367 0.01 17.15 -25.09
N TRP B 368 0.32 17.07 -23.80
CA TRP B 368 -0.64 17.23 -22.72
C TRP B 368 0.01 18.16 -21.70
N SER B 369 -0.56 19.34 -21.51
CA SER B 369 0.06 20.27 -20.59
C SER B 369 -0.72 20.23 -19.28
N GLU B 370 0.01 20.35 -18.18
CA GLU B 370 -0.63 20.26 -16.88
C GLU B 370 -1.60 21.41 -16.67
N VAL B 371 -1.34 22.55 -17.30
CA VAL B 371 -2.18 23.73 -17.16
C VAL B 371 -3.57 23.53 -17.77
N ASP B 372 -3.64 22.94 -18.95
CA ASP B 372 -4.90 22.80 -19.68
C ASP B 372 -5.53 21.42 -19.55
N LYS B 373 -4.68 20.41 -19.34
CA LYS B 373 -5.12 19.03 -19.12
C LYS B 373 -5.94 18.40 -20.26
N MET B 374 -5.53 18.62 -21.50
CA MET B 374 -6.14 17.89 -22.61
C MET B 374 -5.07 17.53 -23.64
N VAL B 375 -5.29 16.47 -24.39
CA VAL B 375 -4.36 16.12 -25.46
C VAL B 375 -4.58 17.05 -26.65
N VAL B 376 -3.52 17.74 -27.04
CA VAL B 376 -3.55 18.64 -28.19
C VAL B 376 -2.81 17.97 -29.32
N THR B 377 -3.38 18.01 -30.51
CA THR B 377 -2.81 17.35 -31.68
C THR B 377 -1.88 18.27 -32.46
N LEU B 378 -0.70 17.75 -32.80
CA LEU B 378 0.26 18.48 -33.63
C LEU B 378 0.05 18.11 -35.11
N THR B 379 0.44 18.99 -36.02
CA THR B 379 0.34 18.64 -37.44
C THR B 379 1.54 17.83 -37.86
C1 NAG C . -33.16 -7.69 -3.00
C2 NAG C . -32.71 -8.25 -4.34
C3 NAG C . -33.98 -8.51 -5.11
C4 NAG C . -34.64 -9.68 -4.42
C5 NAG C . -34.95 -9.22 -2.99
C6 NAG C . -35.65 -10.27 -2.15
C7 NAG C . -32.13 -6.10 -5.07
C8 NAG C . -31.25 -5.15 -5.83
N2 NAG C . -31.83 -7.36 -5.10
O3 NAG C . -33.68 -8.76 -6.47
O4 NAG C . -35.80 -10.03 -5.13
O5 NAG C . -33.78 -8.78 -2.33
O6 NAG C . -35.28 -11.57 -2.56
O7 NAG C . -33.10 -5.71 -4.45
C1 NAG D . 1.59 27.72 -14.17
C2 NAG D . 2.00 29.01 -13.43
C3 NAG D . 0.86 29.97 -13.07
C4 NAG D . -0.05 30.14 -14.27
C5 NAG D . -0.53 28.75 -14.60
C6 NAG D . -1.65 28.79 -15.63
C7 NAG D . 3.86 29.18 -11.93
C8 NAG D . 4.42 28.80 -10.59
N2 NAG D . 2.66 28.72 -12.18
O3 NAG D . 1.36 31.23 -12.67
O4 NAG D . -1.11 31.04 -14.00
O5 NAG D . 0.59 28.04 -15.11
O6 NAG D . -1.25 29.48 -16.78
O7 NAG D . 4.50 29.85 -12.74
#